data_8EEN
#
_entry.id   8EEN
#
_cell.length_a   60.229
_cell.length_b   117.835
_cell.length_c   141.479
_cell.angle_alpha   90.000
_cell.angle_beta   90.000
_cell.angle_gamma   90.000
#
_symmetry.space_group_name_H-M   'P 21 21 21'
#
loop_
_entity.id
_entity.type
_entity.pdbx_description
1 polymer 'Amine oxidase'
2 non-polymer 'FLAVIN-ADENINE DINUCLEOTIDE'
3 water water
#
_entity_poly.entity_id   1
_entity_poly.type   'polypeptide(L)'
_entity_poly.pdbx_seq_one_letter_code
;MSKNKVVIIGAGFAGLVAARELQTAGIEYEILEAKDRIGGRAWTEERMGRPLELGATWVHWFQAHTWTEIMRYGQRTEIT
ASPSGNDAHWVTDGKVVKGTEDDLDEKLTAAMGVTYEGSEEYFPNPHDPLWVLSDDFDGPAEVRERFLSDDQTNAIDLVK
EAGFDQETIDLVDAFWCAGYIGDPYTGSALMAKQWGALSDNRYRVMEDITLKWKLNNGMRSLYDGIAGDLNTDIRLNTPV
AKVEHHDNGATVTTESGEVIEASAVICTVPVGALSNIEFSPALPDAVQSVIDDKWNSQGAKIWIKIKGHHRFLGYAPKPA
KMSVVRSEYFMDDDTTILVGFGYDNTNIDLNSIEDAQAVINQWRDDLEVVDTTGHNWVADKWAGQAWGTLRKGQFTQGWS
LFDDTDSQLFFAGSDYAYGWRGVSVDGALEKGMTTARQVINSMRETKEQ
;
_entity_poly.pdbx_strand_id   B,A
#
loop_
_chem_comp.id
_chem_comp.type
_chem_comp.name
_chem_comp.formula
FAD non-polymer 'FLAVIN-ADENINE DINUCLEOTIDE' 'C27 H33 N9 O15 P2'
#
# COMPACT_ATOMS: atom_id res chain seq x y z
N LYS A 5 -9.63 -17.55 -23.78
CA LYS A 5 -8.67 -17.79 -24.85
C LYS A 5 -7.26 -17.32 -24.45
N VAL A 6 -7.12 -16.61 -23.33
CA VAL A 6 -5.80 -16.23 -22.84
C VAL A 6 -5.23 -17.38 -22.02
N VAL A 7 -4.02 -17.81 -22.38
CA VAL A 7 -3.35 -18.89 -21.65
C VAL A 7 -2.36 -18.27 -20.69
N ILE A 8 -2.53 -18.58 -19.40
CA ILE A 8 -1.65 -18.12 -18.35
C ILE A 8 -0.78 -19.30 -17.95
N ILE A 9 0.54 -19.15 -18.04
CA ILE A 9 1.46 -20.22 -17.67
C ILE A 9 1.92 -19.97 -16.24
N GLY A 10 1.52 -20.86 -15.34
CA GLY A 10 1.92 -20.76 -13.95
C GLY A 10 0.84 -20.27 -13.02
N ALA A 11 0.62 -21.01 -11.92
CA ALA A 11 -0.37 -20.67 -10.89
C ALA A 11 0.29 -20.19 -9.60
N GLY A 12 1.33 -19.37 -9.74
CA GLY A 12 1.82 -18.56 -8.64
C GLY A 12 0.94 -17.32 -8.49
N PHE A 13 1.39 -16.42 -7.62
CA PHE A 13 0.60 -15.22 -7.37
C PHE A 13 0.38 -14.38 -8.63
N ALA A 14 1.40 -14.28 -9.50
CA ALA A 14 1.21 -13.48 -10.71
C ALA A 14 0.13 -14.07 -11.62
N GLY A 15 0.19 -15.38 -11.84
CA GLY A 15 -0.77 -16.01 -12.72
C GLY A 15 -2.17 -16.03 -12.14
N LEU A 16 -2.27 -16.29 -10.83
CA LEU A 16 -3.58 -16.30 -10.16
C LEU A 16 -4.24 -14.92 -10.23
N VAL A 17 -3.49 -13.87 -9.91
CA VAL A 17 -4.09 -12.54 -9.91
C VAL A 17 -4.40 -12.07 -11.33
N ALA A 18 -3.59 -12.48 -12.30
CA ALA A 18 -3.90 -12.17 -13.69
C ALA A 18 -5.19 -12.84 -14.13
N ALA A 19 -5.38 -14.10 -13.74
CA ALA A 19 -6.62 -14.78 -14.09
C ALA A 19 -7.83 -14.07 -13.48
N ARG A 20 -7.74 -13.67 -12.21
CA ARG A 20 -8.86 -13.00 -11.59
C ARG A 20 -9.16 -11.67 -12.28
N GLU A 21 -8.12 -10.94 -12.69
CA GLU A 21 -8.31 -9.68 -13.40
C GLU A 21 -8.99 -9.89 -14.75
N LEU A 22 -8.57 -10.91 -15.50
CA LEU A 22 -9.23 -11.20 -16.77
C LEU A 22 -10.69 -11.60 -16.54
N GLN A 23 -10.94 -12.34 -15.46
CA GLN A 23 -12.32 -12.73 -15.14
C GLN A 23 -13.20 -11.52 -14.90
N THR A 24 -12.68 -10.53 -14.16
CA THR A 24 -13.41 -9.28 -13.94
C THR A 24 -13.80 -8.63 -15.27
N ALA A 25 -12.92 -8.71 -16.27
CA ALA A 25 -13.14 -8.10 -17.58
C ALA A 25 -13.95 -8.97 -18.53
N GLY A 26 -14.37 -10.15 -18.09
CA GLY A 26 -15.12 -11.05 -18.95
C GLY A 26 -14.31 -11.74 -20.02
N ILE A 27 -13.01 -11.90 -19.81
CA ILE A 27 -12.12 -12.48 -20.82
C ILE A 27 -11.82 -13.91 -20.43
N GLU A 28 -12.02 -14.84 -21.36
CA GLU A 28 -11.81 -16.24 -21.06
C GLU A 28 -10.32 -16.55 -20.97
N TYR A 29 -9.97 -17.43 -20.04
CA TYR A 29 -8.58 -17.72 -19.75
C TYR A 29 -8.47 -19.19 -19.36
N GLU A 30 -7.23 -19.67 -19.34
CA GLU A 30 -6.92 -20.95 -18.75
C GLU A 30 -5.55 -20.85 -18.10
N ILE A 31 -5.41 -21.41 -16.90
CA ILE A 31 -4.12 -21.46 -16.22
C ILE A 31 -3.57 -22.86 -16.36
N LEU A 32 -2.35 -22.97 -16.88
CA LEU A 32 -1.61 -24.22 -16.98
C LEU A 32 -0.47 -24.19 -15.96
N GLU A 33 -0.48 -25.13 -15.02
CA GLU A 33 0.52 -25.20 -13.96
C GLU A 33 1.26 -26.53 -14.03
N ALA A 34 2.59 -26.48 -13.98
CA ALA A 34 3.40 -27.71 -14.09
C ALA A 34 3.26 -28.62 -12.87
N LYS A 35 3.18 -28.05 -11.67
CA LYS A 35 3.18 -28.83 -10.44
C LYS A 35 1.78 -29.36 -10.11
N ASP A 36 1.71 -30.19 -9.08
CA ASP A 36 0.45 -30.66 -8.52
C ASP A 36 -0.08 -29.74 -7.44
N ARG A 37 0.35 -28.48 -7.43
CA ARG A 37 -0.04 -27.53 -6.40
C ARG A 37 0.00 -26.14 -7.01
N ILE A 38 -0.75 -25.23 -6.40
CA ILE A 38 -0.71 -23.81 -6.72
C ILE A 38 0.12 -23.09 -5.67
N GLY A 39 0.52 -21.85 -6.01
CA GLY A 39 1.26 -20.98 -5.13
C GLY A 39 2.67 -20.66 -5.59
N GLY A 40 3.29 -21.57 -6.35
CA GLY A 40 4.63 -21.31 -6.83
C GLY A 40 5.65 -21.18 -5.71
N ARG A 41 6.38 -20.07 -5.74
CA ARG A 41 7.42 -19.81 -4.74
C ARG A 41 6.86 -19.30 -3.43
N ALA A 42 5.54 -19.19 -3.30
CA ALA A 42 4.85 -19.13 -2.02
C ALA A 42 4.29 -20.52 -1.74
N TRP A 43 4.63 -21.08 -0.57
CA TRP A 43 4.26 -22.47 -0.28
C TRP A 43 4.21 -22.66 1.24
N THR A 44 3.00 -22.65 1.80
CA THR A 44 2.81 -22.93 3.22
C THR A 44 2.53 -24.41 3.41
N GLU A 45 3.34 -25.06 4.25
CA GLU A 45 3.14 -26.49 4.47
C GLU A 45 3.53 -26.88 5.89
N GLU A 46 2.78 -27.82 6.48
CA GLU A 46 3.09 -28.35 7.79
C GLU A 46 4.40 -29.12 7.75
N ARG A 47 5.38 -28.67 8.55
CA ARG A 47 6.65 -29.38 8.71
C ARG A 47 7.13 -29.10 10.12
N MET A 48 7.77 -30.10 10.73
CA MET A 48 8.36 -29.96 12.07
C MET A 48 7.34 -29.55 13.11
N GLY A 49 6.07 -29.89 12.88
CA GLY A 49 5.04 -29.70 13.88
C GLY A 49 4.20 -28.44 13.74
N ARG A 50 4.39 -27.65 12.68
CA ARG A 50 3.60 -26.43 12.51
C ARG A 50 3.68 -26.01 11.05
N PRO A 51 2.76 -25.15 10.60
CA PRO A 51 2.85 -24.65 9.22
C PRO A 51 4.08 -23.75 9.07
N LEU A 52 4.88 -24.06 8.06
CA LEU A 52 6.08 -23.28 7.77
C LEU A 52 6.03 -22.78 6.34
N GLU A 53 6.57 -21.60 6.12
CA GLU A 53 6.66 -21.02 4.78
C GLU A 53 7.95 -21.48 4.13
N LEU A 54 7.86 -22.37 3.15
CA LEU A 54 9.06 -22.84 2.46
C LEU A 54 9.58 -21.80 1.48
N GLY A 55 8.70 -20.91 1.05
CA GLY A 55 9.03 -19.71 0.30
C GLY A 55 7.89 -18.76 0.61
N ALA A 56 8.12 -17.50 0.26
CA ALA A 56 7.45 -16.31 0.79
C ALA A 56 6.91 -16.35 2.22
N THR A 57 7.31 -15.37 3.03
CA THR A 57 6.91 -15.29 4.43
C THR A 57 6.32 -13.94 4.86
N TRP A 58 7.06 -12.84 4.68
CA TRP A 58 6.75 -11.59 5.37
C TRP A 58 6.01 -10.61 4.46
N VAL A 59 5.18 -9.75 5.08
CA VAL A 59 4.27 -8.82 4.41
C VAL A 59 4.26 -7.49 5.17
N HIS A 60 3.65 -6.46 4.56
CA HIS A 60 3.48 -5.18 5.24
C HIS A 60 2.40 -4.36 4.55
N TRP A 61 1.78 -3.44 5.31
CA TRP A 61 0.72 -2.57 4.77
C TRP A 61 1.25 -1.50 3.82
N PHE A 62 2.56 -1.26 3.81
CA PHE A 62 3.15 -0.38 2.81
C PHE A 62 3.39 -1.08 1.46
N GLN A 63 3.00 -2.36 1.33
CA GLN A 63 3.04 -3.08 0.05
C GLN A 63 1.61 -3.13 -0.47
N ALA A 64 1.30 -2.28 -1.46
CA ALA A 64 -0.10 -2.04 -1.82
C ALA A 64 -0.79 -3.30 -2.32
N HIS A 65 -0.13 -4.05 -3.19
CA HIS A 65 -0.81 -5.19 -3.80
C HIS A 65 -0.98 -6.33 -2.81
N THR A 66 0.06 -6.63 -2.04
CA THR A 66 -0.07 -7.66 -1.02
C THR A 66 -1.11 -7.28 0.02
N TRP A 67 -1.08 -6.02 0.47
CA TRP A 67 -1.98 -5.62 1.54
C TRP A 67 -3.44 -5.66 1.10
N THR A 68 -3.73 -5.24 -0.13
CA THR A 68 -5.12 -5.35 -0.60
C THR A 68 -5.62 -6.79 -0.54
N GLU A 69 -4.76 -7.76 -0.86
CA GLU A 69 -5.20 -9.16 -0.82
C GLU A 69 -5.38 -9.64 0.62
N ILE A 70 -4.50 -9.21 1.51
CA ILE A 70 -4.68 -9.51 2.93
C ILE A 70 -6.04 -9.02 3.41
N MET A 71 -6.41 -7.81 3.02
CA MET A 71 -7.73 -7.28 3.40
C MET A 71 -8.86 -8.07 2.73
N ARG A 72 -8.74 -8.31 1.42
CA ARG A 72 -9.77 -9.03 0.68
C ARG A 72 -10.09 -10.39 1.29
N TYR A 73 -9.07 -11.16 1.67
CA TYR A 73 -9.25 -12.54 2.09
C TYR A 73 -9.31 -12.70 3.61
N GLY A 74 -9.59 -11.63 4.33
CA GLY A 74 -9.90 -11.74 5.74
C GLY A 74 -8.75 -11.82 6.70
N GLN A 75 -7.55 -11.42 6.27
CA GLN A 75 -6.34 -11.63 7.06
C GLN A 75 -5.85 -10.36 7.76
N ARG A 76 -6.67 -9.29 7.77
CA ARG A 76 -6.30 -7.99 8.31
C ARG A 76 -5.64 -8.06 9.68
N THR A 77 -6.22 -8.83 10.61
CA THR A 77 -5.66 -8.95 11.95
C THR A 77 -4.86 -10.22 12.15
N GLU A 78 -4.70 -11.03 11.10
CA GLU A 78 -4.04 -12.33 11.22
C GLU A 78 -2.58 -12.24 10.84
N ILE A 79 -1.89 -11.25 11.39
CA ILE A 79 -0.45 -11.08 11.21
C ILE A 79 0.21 -11.00 12.58
N THR A 80 1.43 -11.53 12.67
CA THR A 80 2.21 -11.56 13.89
C THR A 80 3.65 -11.19 13.57
N ALA A 81 4.25 -10.35 14.41
CA ALA A 81 5.64 -9.95 14.22
C ALA A 81 6.60 -11.06 14.65
N SER A 82 7.68 -11.20 13.88
CA SER A 82 8.74 -12.12 14.23
C SER A 82 9.41 -11.70 15.54
N PRO A 83 10.05 -12.64 16.24
CA PRO A 83 10.71 -12.30 17.50
C PRO A 83 11.78 -11.23 17.34
N SER A 84 11.83 -10.32 18.31
CA SER A 84 12.84 -9.26 18.34
C SER A 84 13.52 -9.27 19.71
N GLY A 85 14.48 -8.38 19.89
CA GLY A 85 15.25 -8.38 21.13
C GLY A 85 16.04 -9.66 21.33
N ASN A 86 16.54 -10.24 20.25
CA ASN A 86 17.31 -11.46 20.35
C ASN A 86 18.74 -11.17 20.79
N ASP A 87 19.39 -12.19 21.35
CA ASP A 87 20.82 -12.11 21.60
C ASP A 87 21.54 -12.27 20.27
N ALA A 88 22.31 -11.25 19.88
CA ALA A 88 22.91 -11.20 18.55
C ALA A 88 24.36 -11.70 18.58
N HIS A 89 24.74 -12.35 17.49
CA HIS A 89 26.07 -12.88 17.31
C HIS A 89 26.48 -12.60 15.87
N TRP A 90 27.70 -12.13 15.65
CA TRP A 90 28.16 -11.93 14.28
C TRP A 90 29.61 -12.35 14.11
N VAL A 91 29.90 -12.93 12.95
CA VAL A 91 31.25 -13.34 12.60
C VAL A 91 31.91 -12.19 11.88
N THR A 92 33.07 -11.74 12.37
CA THR A 92 33.71 -10.70 11.57
C THR A 92 35.05 -11.14 10.99
N ASP A 93 36.11 -11.08 11.75
CA ASP A 93 37.40 -11.51 11.19
C ASP A 93 37.68 -12.95 11.58
N GLY A 94 36.75 -13.84 11.21
CA GLY A 94 36.84 -15.23 11.61
C GLY A 94 36.48 -15.50 13.05
N LYS A 95 36.00 -14.51 13.80
CA LYS A 95 35.66 -14.69 15.19
C LYS A 95 34.23 -14.23 15.44
N VAL A 96 33.63 -14.75 16.51
CA VAL A 96 32.26 -14.40 16.90
C VAL A 96 32.29 -13.22 17.86
N VAL A 97 31.50 -12.19 17.54
CA VAL A 97 31.26 -11.06 18.41
C VAL A 97 29.81 -11.14 18.88
N LYS A 98 29.57 -10.80 20.15
CA LYS A 98 28.24 -10.85 20.74
C LYS A 98 27.77 -9.44 21.10
N GLY A 99 26.47 -9.23 20.98
CA GLY A 99 25.87 -7.96 21.37
C GLY A 99 24.37 -8.09 21.33
N THR A 100 23.70 -6.98 21.61
CA THR A 100 22.24 -6.98 21.50
C THR A 100 21.82 -6.82 20.05
N GLU A 101 20.54 -7.15 19.78
CA GLU A 101 20.00 -6.89 18.46
C GLU A 101 20.04 -5.40 18.13
N ASP A 102 19.78 -4.54 19.13
CA ASP A 102 19.89 -3.10 18.92
C ASP A 102 21.29 -2.69 18.50
N ASP A 103 22.32 -3.28 19.13
CA ASP A 103 23.70 -2.97 18.76
C ASP A 103 23.95 -3.27 17.29
N LEU A 104 23.51 -4.44 16.84
CA LEU A 104 23.69 -4.83 15.45
C LEU A 104 22.91 -3.91 14.52
N ASP A 105 21.65 -3.62 14.87
CA ASP A 105 20.82 -2.75 14.04
C ASP A 105 21.39 -1.34 13.94
N GLU A 106 22.04 -0.88 15.00
CA GLU A 106 22.68 0.44 14.96
C GLU A 106 23.80 0.48 13.94
N LYS A 107 24.62 -0.59 13.87
CA LYS A 107 25.70 -0.63 12.89
C LYS A 107 25.15 -0.74 11.47
N LEU A 108 24.12 -1.56 11.27
CA LEU A 108 23.52 -1.67 9.95
C LEU A 108 22.87 -0.36 9.52
N THR A 109 22.20 0.33 10.45
CA THR A 109 21.57 1.60 10.11
C THR A 109 22.57 2.61 9.58
N ALA A 110 23.75 2.71 10.23
CA ALA A 110 24.75 3.65 9.76
C ALA A 110 25.25 3.28 8.38
N ALA A 111 25.46 1.98 8.12
CA ALA A 111 25.90 1.55 6.81
C ALA A 111 24.84 1.78 5.74
N MET A 112 23.55 1.66 6.11
CA MET A 112 22.48 1.86 5.14
C MET A 112 22.43 3.30 4.64
N GLY A 113 22.80 4.26 5.49
CA GLY A 113 22.80 5.66 5.04
C GLY A 113 23.65 5.86 3.80
N VAL A 114 24.86 5.30 3.79
CA VAL A 114 25.72 5.40 2.63
C VAL A 114 25.21 4.53 1.49
N THR A 115 24.63 3.37 1.84
CA THR A 115 24.14 2.45 0.81
C THR A 115 23.00 3.05 0.01
N TYR A 116 22.12 3.80 0.67
CA TYR A 116 20.98 4.40 -0.01
C TYR A 116 21.33 5.67 -0.78
N GLU A 117 22.52 6.25 -0.56
CA GLU A 117 22.88 7.54 -1.13
C GLU A 117 22.53 7.62 -2.61
N GLY A 118 21.86 8.70 -3.01
CA GLY A 118 21.41 8.88 -4.36
C GLY A 118 19.96 8.52 -4.58
N SER A 119 19.36 7.74 -3.67
CA SER A 119 17.99 7.28 -3.88
C SER A 119 17.01 8.44 -4.01
N GLU A 120 17.24 9.56 -3.31
CA GLU A 120 16.31 10.68 -3.43
C GLU A 120 16.40 11.36 -4.79
N GLU A 121 17.58 11.33 -5.42
CA GLU A 121 17.74 11.87 -6.76
C GLU A 121 17.27 10.91 -7.84
N TYR A 122 17.44 9.61 -7.62
CA TYR A 122 17.08 8.62 -8.63
C TYR A 122 15.58 8.32 -8.61
N PHE A 123 14.96 8.29 -7.43
CA PHE A 123 13.64 7.68 -7.27
C PHE A 123 12.64 8.58 -6.55
N PRO A 124 12.44 9.83 -7.01
CA PRO A 124 11.41 10.67 -6.37
C PRO A 124 10.05 9.97 -6.35
N ASN A 125 9.68 9.33 -7.46
CA ASN A 125 8.60 8.35 -7.46
C ASN A 125 9.27 6.99 -7.41
N PRO A 126 9.24 6.28 -6.28
CA PRO A 126 9.97 5.01 -6.19
C PRO A 126 9.38 3.91 -7.03
N HIS A 127 8.23 4.15 -7.67
CA HIS A 127 7.61 3.21 -8.57
C HIS A 127 7.92 3.53 -10.03
N ASP A 128 8.84 4.46 -10.27
CA ASP A 128 9.37 4.73 -11.60
C ASP A 128 10.89 4.56 -11.55
N PRO A 129 11.36 3.31 -11.45
CA PRO A 129 12.79 3.05 -11.22
C PRO A 129 13.70 3.53 -12.34
N LEU A 130 13.22 3.63 -13.58
CA LEU A 130 14.07 4.01 -14.71
C LEU A 130 13.83 5.44 -15.16
N TRP A 131 13.26 6.27 -14.29
CA TRP A 131 13.01 7.67 -14.63
C TRP A 131 14.29 8.39 -15.08
N VAL A 132 15.42 8.11 -14.42
CA VAL A 132 16.68 8.78 -14.74
C VAL A 132 17.08 8.60 -16.19
N LEU A 133 16.73 7.46 -16.80
CA LEU A 133 17.08 7.19 -18.19
C LEU A 133 15.98 7.58 -19.16
N SER A 134 14.88 8.17 -18.68
CA SER A 134 13.77 8.53 -19.54
C SER A 134 13.99 9.92 -20.13
N ASP A 135 13.17 10.26 -21.13
CA ASP A 135 13.20 11.60 -21.68
C ASP A 135 12.58 12.64 -20.76
N ASP A 136 11.88 12.21 -19.71
CA ASP A 136 11.35 13.15 -18.73
C ASP A 136 12.37 13.52 -17.67
N PHE A 137 13.52 12.85 -17.60
CA PHE A 137 14.53 13.19 -16.62
C PHE A 137 15.00 14.63 -16.82
N ASP A 138 14.99 15.41 -15.74
CA ASP A 138 15.35 16.82 -15.79
C ASP A 138 16.49 17.20 -14.87
N GLY A 139 17.12 16.23 -14.20
CA GLY A 139 18.24 16.53 -13.34
C GLY A 139 19.53 16.70 -14.11
N PRO A 140 20.60 16.95 -13.38
CA PRO A 140 21.90 17.17 -14.03
C PRO A 140 22.48 15.87 -14.59
N ALA A 141 23.36 16.03 -15.57
CA ALA A 141 23.94 14.88 -16.25
C ALA A 141 24.74 13.99 -15.29
N GLU A 142 25.29 14.58 -14.23
CA GLU A 142 26.08 13.78 -13.29
C GLU A 142 25.23 12.76 -12.54
N VAL A 143 23.94 13.06 -12.35
CA VAL A 143 23.05 12.10 -11.70
C VAL A 143 22.84 10.88 -12.59
N ARG A 144 22.66 11.09 -13.90
CA ARG A 144 22.54 9.96 -14.82
C ARG A 144 23.84 9.16 -14.88
N GLU A 145 24.99 9.85 -14.83
CA GLU A 145 26.27 9.17 -14.85
C GLU A 145 26.42 8.27 -13.63
N ARG A 146 26.08 8.80 -12.45
CA ARG A 146 26.21 8.03 -11.22
C ARG A 146 25.23 6.86 -11.20
N PHE A 147 24.02 7.08 -11.73
CA PHE A 147 23.02 6.03 -11.80
C PHE A 147 23.55 4.82 -12.59
N LEU A 148 24.12 5.09 -13.77
CA LEU A 148 24.65 4.00 -14.60
C LEU A 148 25.86 3.35 -13.93
N SER A 149 26.70 4.15 -13.28
CA SER A 149 27.85 3.61 -12.55
C SER A 149 27.42 2.74 -11.38
N ASP A 150 26.33 3.13 -10.69
CA ASP A 150 25.86 2.35 -9.54
C ASP A 150 25.34 0.98 -9.97
N ASP A 151 24.84 0.85 -11.20
CA ASP A 151 24.43 -0.47 -11.69
C ASP A 151 25.62 -1.42 -11.82
N GLN A 152 26.84 -0.88 -11.92
CA GLN A 152 28.05 -1.71 -12.05
C GLN A 152 28.83 -1.85 -10.75
N THR A 153 28.25 -1.42 -9.62
CA THR A 153 28.89 -1.46 -8.31
C THR A 153 28.02 -2.29 -7.38
N ASN A 154 28.65 -3.14 -6.56
CA ASN A 154 27.87 -3.89 -5.58
C ASN A 154 27.67 -3.07 -4.30
N ALA A 155 26.74 -3.54 -3.45
CA ALA A 155 26.35 -2.80 -2.27
C ALA A 155 27.44 -2.81 -1.19
N ILE A 156 28.33 -3.80 -1.21
CA ILE A 156 29.36 -3.88 -0.19
C ILE A 156 30.47 -2.88 -0.47
N ASP A 157 30.84 -2.72 -1.75
CA ASP A 157 31.90 -1.80 -2.10
C ASP A 157 31.55 -0.36 -1.71
N LEU A 158 30.25 -0.02 -1.70
CA LEU A 158 29.85 1.32 -1.26
C LEU A 158 30.23 1.56 0.19
N VAL A 159 30.09 0.53 1.03
CA VAL A 159 30.45 0.64 2.44
C VAL A 159 31.95 0.64 2.63
N LYS A 160 32.67 -0.18 1.85
CA LYS A 160 34.13 -0.18 1.90
C LYS A 160 34.68 1.19 1.54
N GLU A 161 34.19 1.76 0.44
CA GLU A 161 34.69 3.04 -0.06
C GLU A 161 34.39 4.19 0.90
N ALA A 162 33.39 4.04 1.76
CA ALA A 162 33.05 5.08 2.74
C ALA A 162 33.88 4.98 4.01
N GLY A 163 34.78 4.01 4.10
CA GLY A 163 35.71 3.95 5.21
C GLY A 163 35.23 3.23 6.45
N PHE A 164 34.15 2.45 6.35
CA PHE A 164 33.71 1.67 7.50
C PHE A 164 34.72 0.58 7.81
N ASP A 165 34.76 0.17 9.08
CA ASP A 165 35.74 -0.81 9.49
C ASP A 165 35.33 -2.22 9.07
N GLN A 166 36.23 -3.19 9.31
CA GLN A 166 36.00 -4.55 8.85
C GLN A 166 34.76 -5.17 9.48
N GLU A 167 34.46 -4.81 10.74
CA GLU A 167 33.27 -5.37 11.38
C GLU A 167 32.00 -4.99 10.63
N THR A 168 31.90 -3.72 10.22
CA THR A 168 30.71 -3.30 9.47
C THR A 168 30.69 -3.92 8.07
N ILE A 169 31.87 -4.02 7.43
CA ILE A 169 31.94 -4.71 6.14
C ILE A 169 31.43 -6.14 6.27
N ASP A 170 31.86 -6.85 7.32
CA ASP A 170 31.40 -8.23 7.51
C ASP A 170 29.90 -8.32 7.80
N LEU A 171 29.36 -7.32 8.49
CA LEU A 171 27.92 -7.28 8.76
C LEU A 171 27.11 -7.05 7.48
N VAL A 172 27.53 -6.10 6.63
CA VAL A 172 26.79 -5.84 5.39
C VAL A 172 27.01 -6.96 4.39
N ASP A 173 28.19 -7.59 4.41
CA ASP A 173 28.39 -8.80 3.62
C ASP A 173 27.34 -9.86 3.97
N ALA A 174 27.23 -10.20 5.25
CA ALA A 174 26.19 -11.13 5.71
C ALA A 174 24.80 -10.65 5.31
N PHE A 175 24.50 -9.36 5.55
CA PHE A 175 23.17 -8.83 5.28
C PHE A 175 22.78 -9.01 3.82
N TRP A 176 23.71 -8.72 2.91
CA TRP A 176 23.41 -8.76 1.49
C TRP A 176 23.55 -10.15 0.88
N CYS A 177 24.32 -11.06 1.51
CA CYS A 177 24.18 -12.47 1.15
C CYS A 177 22.74 -12.93 1.28
N ALA A 178 22.07 -12.53 2.36
CA ALA A 178 20.66 -12.82 2.52
C ALA A 178 19.81 -12.02 1.53
N GLY A 179 20.04 -10.71 1.43
CA GLY A 179 19.15 -9.87 0.64
C GLY A 179 19.21 -10.13 -0.86
N TYR A 180 20.42 -10.34 -1.38
CA TYR A 180 20.59 -10.73 -2.77
C TYR A 180 20.41 -12.23 -2.97
N ILE A 181 20.17 -12.97 -1.87
CA ILE A 181 19.99 -14.41 -1.85
C ILE A 181 20.93 -15.08 -2.85
N GLY A 182 22.22 -14.79 -2.69
CA GLY A 182 23.22 -15.08 -3.69
C GLY A 182 24.47 -14.29 -3.35
N ASP A 183 25.49 -14.43 -4.20
CA ASP A 183 26.75 -13.74 -3.98
C ASP A 183 26.53 -12.23 -4.08
N PRO A 184 26.63 -11.49 -2.99
CA PRO A 184 26.36 -10.04 -3.08
C PRO A 184 27.40 -9.29 -3.89
N TYR A 185 28.61 -9.83 -4.05
CA TYR A 185 29.66 -9.11 -4.77
C TYR A 185 29.40 -9.02 -6.27
N THR A 186 28.55 -9.87 -6.82
CA THR A 186 28.17 -9.78 -8.23
C THR A 186 26.92 -8.93 -8.45
N GLY A 187 26.32 -8.41 -7.36
CA GLY A 187 25.02 -7.76 -7.46
C GLY A 187 25.09 -6.28 -7.80
N SER A 188 23.95 -5.74 -8.25
CA SER A 188 23.84 -4.31 -8.57
C SER A 188 23.35 -3.53 -7.36
N ALA A 189 24.12 -2.52 -6.95
CA ALA A 189 23.74 -1.70 -5.80
C ALA A 189 22.45 -0.94 -6.01
N LEU A 190 22.03 -0.73 -7.27
CA LEU A 190 20.77 -0.03 -7.50
C LEU A 190 19.59 -0.79 -6.90
N MET A 191 19.67 -2.12 -6.80
CA MET A 191 18.61 -2.85 -6.14
C MET A 191 18.43 -2.37 -4.71
N ALA A 192 19.52 -2.32 -3.95
CA ALA A 192 19.45 -1.87 -2.56
C ALA A 192 18.95 -0.43 -2.46
N LYS A 193 19.37 0.43 -3.39
CA LYS A 193 18.93 1.81 -3.33
C LYS A 193 17.43 1.93 -3.58
N GLN A 194 16.88 1.12 -4.48
CA GLN A 194 15.43 1.18 -4.70
C GLN A 194 14.65 0.61 -3.51
N TRP A 195 15.17 -0.43 -2.85
CA TRP A 195 14.55 -0.86 -1.61
C TRP A 195 14.49 0.29 -0.61
N GLY A 196 15.58 1.04 -0.49
CA GLY A 196 15.57 2.21 0.38
C GLY A 196 14.48 3.19 -0.02
N ALA A 197 14.38 3.50 -1.31
CA ALA A 197 13.39 4.45 -1.82
C ALA A 197 11.96 4.01 -1.50
N LEU A 198 11.69 2.70 -1.54
CA LEU A 198 10.37 2.18 -1.25
C LEU A 198 10.11 2.07 0.25
N SER A 199 11.12 2.37 1.06
CA SER A 199 11.10 2.21 2.50
C SER A 199 11.35 3.54 3.20
N ASP A 200 11.04 4.65 2.51
CA ASP A 200 11.26 6.00 3.05
C ASP A 200 12.73 6.22 3.44
N ASN A 201 13.64 5.50 2.78
CA ASN A 201 15.08 5.64 2.98
C ASN A 201 15.49 5.42 4.43
N ARG A 202 14.80 4.50 5.11
CA ARG A 202 15.11 4.18 6.50
C ARG A 202 15.23 2.67 6.67
N TYR A 203 16.37 2.23 7.21
CA TYR A 203 16.62 0.81 7.44
C TYR A 203 15.50 0.15 8.24
N ARG A 204 15.01 0.82 9.29
CA ARG A 204 13.98 0.20 10.13
C ARG A 204 12.70 -0.05 9.33
N VAL A 205 12.34 0.89 8.45
CA VAL A 205 11.17 0.65 7.61
C VAL A 205 11.43 -0.49 6.64
N MET A 206 12.63 -0.54 6.06
CA MET A 206 12.94 -1.59 5.11
C MET A 206 12.81 -2.96 5.76
N GLU A 207 13.29 -3.08 7.00
CA GLU A 207 13.18 -4.35 7.72
C GLU A 207 11.76 -4.62 8.20
N ASP A 208 11.02 -3.58 8.57
CA ASP A 208 9.61 -3.74 8.91
C ASP A 208 8.83 -4.30 7.71
N ILE A 209 9.20 -3.88 6.49
CA ILE A 209 8.45 -4.28 5.30
C ILE A 209 8.81 -5.71 4.88
N THR A 210 10.08 -6.09 4.96
CA THR A 210 10.56 -7.31 4.36
C THR A 210 10.87 -8.44 5.35
N LEU A 211 10.87 -8.16 6.67
CA LEU A 211 11.41 -9.14 7.60
C LEU A 211 10.75 -9.08 8.97
N LYS A 212 9.46 -8.74 9.04
CA LYS A 212 8.82 -8.58 10.34
C LYS A 212 7.47 -9.30 10.48
N TRP A 213 6.48 -8.98 9.64
CA TRP A 213 5.12 -9.45 9.84
C TRP A 213 4.85 -10.72 9.04
N LYS A 214 4.43 -11.78 9.74
CA LYS A 214 4.11 -13.07 9.13
C LYS A 214 2.60 -13.28 9.12
N LEU A 215 2.12 -14.09 8.18
CA LEU A 215 0.70 -14.39 8.10
C LEU A 215 0.38 -15.61 8.95
N ASN A 216 -0.50 -15.42 9.95
CA ASN A 216 -0.86 -16.52 10.84
C ASN A 216 -1.39 -17.73 10.07
N ASN A 217 -2.17 -17.48 9.03
CA ASN A 217 -2.75 -18.52 8.20
C ASN A 217 -1.96 -18.76 6.92
N GLY A 218 -0.79 -18.14 6.80
CA GLY A 218 0.13 -18.44 5.71
C GLY A 218 -0.18 -17.73 4.42
N MET A 219 0.82 -17.71 3.53
CA MET A 219 0.60 -17.27 2.17
C MET A 219 -0.52 -18.07 1.51
N ARG A 220 -0.72 -19.32 1.93
CA ARG A 220 -1.79 -20.14 1.36
C ARG A 220 -3.17 -19.52 1.57
N SER A 221 -3.38 -18.78 2.66
CA SER A 221 -4.66 -18.10 2.83
C SER A 221 -4.91 -17.11 1.70
N LEU A 222 -3.85 -16.54 1.13
CA LEU A 222 -4.01 -15.61 0.02
C LEU A 222 -4.09 -16.32 -1.32
N TYR A 223 -3.18 -17.26 -1.60
CA TYR A 223 -3.24 -17.90 -2.92
C TYR A 223 -4.44 -18.84 -3.06
N ASP A 224 -4.83 -19.53 -1.98
CA ASP A 224 -6.08 -20.30 -2.05
C ASP A 224 -7.28 -19.37 -2.16
N GLY A 225 -7.19 -18.17 -1.58
CA GLY A 225 -8.29 -17.22 -1.71
C GLY A 225 -8.48 -16.78 -3.15
N ILE A 226 -7.38 -16.41 -3.83
CA ILE A 226 -7.50 -16.00 -5.22
C ILE A 226 -8.03 -17.15 -6.07
N ALA A 227 -7.45 -18.35 -5.91
CA ALA A 227 -7.90 -19.48 -6.70
C ALA A 227 -9.37 -19.78 -6.45
N GLY A 228 -9.83 -19.58 -5.20
CA GLY A 228 -11.23 -19.80 -4.87
C GLY A 228 -12.18 -18.86 -5.59
N ASP A 229 -11.69 -17.71 -6.06
CA ASP A 229 -12.51 -16.78 -6.81
C ASP A 229 -12.63 -17.15 -8.28
N LEU A 230 -11.75 -18.01 -8.79
CA LEU A 230 -11.71 -18.27 -10.22
C LEU A 230 -12.84 -19.20 -10.64
N ASN A 231 -13.52 -18.85 -11.73
CA ASN A 231 -14.60 -19.68 -12.26
C ASN A 231 -14.11 -20.73 -13.27
N THR A 232 -12.80 -20.81 -13.51
CA THR A 232 -12.22 -21.75 -14.45
C THR A 232 -11.18 -22.59 -13.70
N ASP A 233 -11.33 -23.91 -13.76
CA ASP A 233 -10.43 -24.79 -13.01
C ASP A 233 -9.00 -24.66 -13.52
N ILE A 234 -8.06 -24.66 -12.59
CA ILE A 234 -6.64 -24.62 -12.93
C ILE A 234 -6.21 -26.01 -13.39
N ARG A 235 -5.45 -26.04 -14.48
CA ARG A 235 -4.95 -27.32 -15.01
C ARG A 235 -3.60 -27.60 -14.36
N LEU A 236 -3.63 -28.38 -13.28
CA LEU A 236 -2.40 -28.84 -12.64
C LEU A 236 -1.74 -29.93 -13.48
N ASN A 237 -0.46 -30.21 -13.15
CA ASN A 237 0.28 -31.27 -13.81
C ASN A 237 0.31 -31.10 -15.32
N THR A 238 0.37 -29.84 -15.78
CA THR A 238 0.31 -29.51 -17.20
C THR A 238 1.45 -28.54 -17.53
N PRO A 239 2.68 -29.04 -17.59
CA PRO A 239 3.81 -28.17 -17.97
C PRO A 239 3.71 -27.76 -19.43
N VAL A 240 4.03 -26.50 -19.68
CA VAL A 240 4.14 -25.99 -21.04
C VAL A 240 5.56 -26.26 -21.54
N ALA A 241 5.66 -26.79 -22.77
CA ALA A 241 6.94 -27.08 -23.39
C ALA A 241 7.31 -26.10 -24.50
N LYS A 242 6.34 -25.47 -25.15
CA LYS A 242 6.61 -24.64 -26.31
C LYS A 242 5.61 -23.49 -26.37
N VAL A 243 6.09 -22.30 -26.70
CA VAL A 243 5.24 -21.14 -26.94
C VAL A 243 5.61 -20.56 -28.30
N GLU A 244 4.69 -20.64 -29.26
CA GLU A 244 4.78 -19.94 -30.53
C GLU A 244 3.94 -18.67 -30.40
N HIS A 245 4.51 -17.52 -30.76
CA HIS A 245 3.86 -16.26 -30.46
C HIS A 245 3.98 -15.30 -31.63
N HIS A 246 2.85 -14.67 -31.98
CA HIS A 246 2.81 -13.75 -33.11
C HIS A 246 1.95 -12.54 -32.71
N ASP A 247 1.81 -11.60 -33.65
CA ASP A 247 1.16 -10.33 -33.32
C ASP A 247 -0.34 -10.46 -33.11
N ASN A 248 -0.92 -11.59 -33.48
CA ASN A 248 -2.36 -11.78 -33.46
C ASN A 248 -2.78 -12.88 -32.50
N GLY A 249 -1.85 -13.52 -31.82
CA GLY A 249 -2.19 -14.68 -31.02
C GLY A 249 -0.97 -15.55 -30.80
N ALA A 250 -1.21 -16.72 -30.24
CA ALA A 250 -0.12 -17.62 -29.88
C ALA A 250 -0.62 -19.07 -29.89
N THR A 251 0.33 -19.99 -29.88
CA THR A 251 0.06 -21.42 -29.84
C THR A 251 0.96 -22.04 -28.76
N VAL A 252 0.33 -22.73 -27.81
CA VAL A 252 1.04 -23.32 -26.67
C VAL A 252 0.99 -24.84 -26.82
N THR A 253 2.14 -25.49 -26.63
CA THR A 253 2.20 -26.95 -26.63
C THR A 253 2.66 -27.43 -25.26
N THR A 254 1.89 -28.36 -24.68
CA THR A 254 2.22 -28.91 -23.38
C THR A 254 3.22 -30.06 -23.52
N GLU A 255 3.71 -30.52 -22.36
CA GLU A 255 4.64 -31.64 -22.32
C GLU A 255 4.04 -32.88 -22.96
N SER A 256 2.74 -33.08 -22.82
CA SER A 256 2.05 -34.23 -23.38
C SER A 256 1.80 -34.12 -24.87
N GLY A 257 2.14 -32.98 -25.47
CA GLY A 257 1.92 -32.76 -26.89
C GLY A 257 0.62 -32.06 -27.24
N GLU A 258 -0.21 -31.72 -26.25
CA GLU A 258 -1.46 -31.02 -26.51
C GLU A 258 -1.17 -29.60 -27.01
N VAL A 259 -1.89 -29.21 -28.06
CA VAL A 259 -1.74 -27.90 -28.70
C VAL A 259 -2.95 -27.05 -28.33
N ILE A 260 -2.68 -25.86 -27.79
CA ILE A 260 -3.73 -24.94 -27.33
C ILE A 260 -3.55 -23.61 -28.04
N GLU A 261 -4.57 -23.19 -28.79
CA GLU A 261 -4.52 -21.88 -29.44
C GLU A 261 -4.98 -20.79 -28.47
N ALA A 262 -4.28 -19.65 -28.50
CA ALA A 262 -4.51 -18.60 -27.53
C ALA A 262 -4.56 -17.23 -28.22
N SER A 263 -5.36 -16.32 -27.66
CA SER A 263 -5.32 -14.93 -28.11
C SER A 263 -4.10 -14.21 -27.57
N ALA A 264 -3.59 -14.66 -26.42
CA ALA A 264 -2.41 -14.08 -25.80
C ALA A 264 -1.91 -15.09 -24.79
N VAL A 265 -0.64 -14.96 -24.43
CA VAL A 265 -0.02 -15.79 -23.41
C VAL A 265 0.59 -14.88 -22.36
N ILE A 266 0.25 -15.12 -21.10
CA ILE A 266 0.89 -14.47 -19.96
C ILE A 266 1.80 -15.52 -19.33
N CYS A 267 3.11 -15.34 -19.49
CA CYS A 267 4.07 -16.36 -19.06
C CYS A 267 4.69 -15.90 -17.74
N THR A 268 4.38 -16.61 -16.66
CA THR A 268 4.91 -16.27 -15.33
C THR A 268 6.07 -17.15 -14.89
N VAL A 269 6.54 -18.03 -15.77
CA VAL A 269 7.68 -18.90 -15.48
C VAL A 269 8.91 -18.05 -15.21
N PRO A 270 9.59 -18.20 -14.07
CA PRO A 270 10.75 -17.34 -13.80
C PRO A 270 11.94 -17.69 -14.67
N VAL A 271 12.86 -16.73 -14.75
CA VAL A 271 14.07 -16.85 -15.58
C VAL A 271 14.79 -18.17 -15.32
N GLY A 272 14.90 -18.57 -14.05
CA GLY A 272 15.60 -19.79 -13.70
C GLY A 272 15.00 -21.05 -14.29
N ALA A 273 13.78 -20.97 -14.82
CA ALA A 273 13.09 -22.11 -15.42
C ALA A 273 12.68 -21.88 -16.86
N LEU A 274 13.04 -20.73 -17.45
CA LEU A 274 12.60 -20.44 -18.81
C LEU A 274 13.23 -21.37 -19.83
N SER A 275 14.38 -21.98 -19.54
CA SER A 275 14.99 -22.88 -20.51
C SER A 275 14.18 -24.15 -20.76
N ASN A 276 13.18 -24.45 -19.93
CA ASN A 276 12.29 -25.58 -20.21
C ASN A 276 11.33 -25.31 -21.35
N ILE A 277 11.19 -24.06 -21.81
CA ILE A 277 10.21 -23.70 -22.82
C ILE A 277 10.93 -23.28 -24.08
N GLU A 278 10.53 -23.85 -25.22
CA GLU A 278 10.99 -23.43 -26.52
C GLU A 278 10.11 -22.29 -27.03
N PHE A 279 10.73 -21.16 -27.33
CA PHE A 279 10.01 -20.00 -27.85
C PHE A 279 10.23 -19.88 -29.35
N SER A 280 9.15 -19.69 -30.09
CA SER A 280 9.21 -19.55 -31.55
C SER A 280 8.36 -18.35 -31.94
N PRO A 281 8.94 -17.26 -32.47
CA PRO A 281 10.38 -17.09 -32.71
C PRO A 281 11.18 -16.99 -31.42
N ALA A 282 12.49 -17.13 -31.54
CA ALA A 282 13.36 -17.00 -30.38
C ALA A 282 13.17 -15.64 -29.73
N LEU A 283 13.34 -15.61 -28.42
CA LEU A 283 13.27 -14.34 -27.70
C LEU A 283 14.41 -13.43 -28.13
N PRO A 284 14.23 -12.10 -27.99
CA PRO A 284 15.29 -11.18 -28.41
C PRO A 284 16.62 -11.44 -27.73
N ASP A 285 17.71 -11.10 -28.42
CA ASP A 285 19.05 -11.36 -27.90
C ASP A 285 19.26 -10.76 -26.52
N ALA A 286 18.76 -9.53 -26.31
CA ALA A 286 19.00 -8.88 -25.02
C ALA A 286 18.26 -9.58 -23.89
N VAL A 287 17.09 -10.14 -24.18
CA VAL A 287 16.38 -10.91 -23.17
C VAL A 287 17.05 -12.26 -22.97
N GLN A 288 17.51 -12.88 -24.05
CA GLN A 288 18.20 -14.17 -23.90
C GLN A 288 19.47 -14.03 -23.06
N SER A 289 20.17 -12.90 -23.17
CA SER A 289 21.36 -12.68 -22.36
C SER A 289 21.01 -12.72 -20.87
N VAL A 290 19.88 -12.12 -20.49
CA VAL A 290 19.47 -12.18 -19.09
C VAL A 290 19.17 -13.62 -18.69
N ILE A 291 18.42 -14.35 -19.52
CA ILE A 291 18.07 -15.73 -19.21
C ILE A 291 19.34 -16.57 -19.05
N ASP A 292 20.30 -16.38 -19.94
CA ASP A 292 21.54 -17.14 -19.86
C ASP A 292 22.32 -16.81 -18.58
N ASP A 293 22.42 -15.51 -18.24
CA ASP A 293 23.16 -15.11 -17.04
C ASP A 293 22.44 -15.48 -15.76
N LYS A 294 21.11 -15.49 -15.80
CA LYS A 294 20.14 -15.73 -14.72
C LYS A 294 19.67 -14.41 -14.11
N TRP A 295 19.24 -14.50 -12.86
CA TRP A 295 19.26 -13.41 -11.90
C TRP A 295 20.34 -13.79 -10.91
N ASN A 296 20.64 -12.87 -10.01
CA ASN A 296 21.47 -13.24 -8.87
C ASN A 296 20.48 -13.84 -7.90
N SER A 297 20.24 -15.11 -8.03
CA SER A 297 19.40 -15.78 -7.07
C SER A 297 19.82 -17.24 -6.98
N GLN A 298 20.89 -17.49 -6.22
CA GLN A 298 21.47 -18.82 -6.11
C GLN A 298 21.43 -19.36 -4.71
N GLY A 299 20.89 -18.62 -3.74
CA GLY A 299 20.90 -19.00 -2.35
C GLY A 299 19.74 -19.90 -1.95
N ALA A 300 19.49 -19.95 -0.64
CA ALA A 300 18.58 -20.95 -0.09
C ALA A 300 18.07 -20.49 1.27
N LYS A 301 16.90 -21.03 1.65
CA LYS A 301 16.23 -20.72 2.91
C LYS A 301 16.04 -22.02 3.69
N ILE A 302 16.45 -22.01 4.96
CA ILE A 302 16.36 -23.18 5.82
C ILE A 302 15.49 -22.86 7.05
N TRP A 303 14.90 -23.92 7.62
CA TRP A 303 14.24 -23.87 8.92
C TRP A 303 14.93 -24.90 9.82
N ILE A 304 15.46 -24.45 10.96
CA ILE A 304 16.26 -25.29 11.86
C ILE A 304 15.57 -25.35 13.22
N LYS A 305 15.45 -26.54 13.79
CA LYS A 305 14.89 -26.70 15.12
C LYS A 305 15.99 -27.09 16.11
N ILE A 306 16.08 -26.34 17.22
CA ILE A 306 17.06 -26.60 18.28
C ILE A 306 16.34 -26.86 19.59
N LYS A 307 17.06 -27.51 20.52
CA LYS A 307 16.53 -27.77 21.85
C LYS A 307 16.48 -26.47 22.66
N GLY A 308 15.47 -26.34 23.51
CA GLY A 308 15.33 -25.19 24.38
C GLY A 308 14.64 -24.01 23.71
N HIS A 309 14.35 -22.99 24.53
CA HIS A 309 13.81 -21.72 24.05
C HIS A 309 14.96 -20.72 24.02
N HIS A 310 15.33 -20.26 22.83
CA HIS A 310 16.47 -19.39 22.64
C HIS A 310 16.11 -18.24 21.70
N ARG A 311 16.36 -17.02 22.17
CA ARG A 311 16.17 -15.81 21.39
C ARG A 311 17.50 -15.50 20.72
N PHE A 312 17.62 -15.87 19.44
CA PHE A 312 18.91 -15.92 18.76
C PHE A 312 18.85 -15.15 17.45
N LEU A 313 19.93 -14.40 17.19
CA LEU A 313 20.19 -13.79 15.89
C LEU A 313 21.66 -13.99 15.56
N GLY A 314 21.94 -14.46 14.34
CA GLY A 314 23.32 -14.66 13.90
C GLY A 314 23.55 -14.14 12.50
N TYR A 315 24.67 -13.46 12.31
CA TYR A 315 25.13 -12.96 11.01
C TYR A 315 26.50 -13.55 10.72
N ALA A 316 26.72 -13.95 9.46
CA ALA A 316 28.04 -14.43 9.03
C ALA A 316 28.24 -14.12 7.56
N PRO A 317 29.43 -13.70 7.16
CA PRO A 317 29.67 -13.32 5.77
C PRO A 317 29.91 -14.53 4.87
N LYS A 318 29.88 -14.25 3.57
CA LYS A 318 30.28 -15.23 2.56
C LYS A 318 31.66 -15.80 2.94
N PRO A 319 31.88 -17.12 2.77
CA PRO A 319 31.06 -18.16 2.15
C PRO A 319 30.28 -19.06 3.12
N ALA A 320 29.79 -18.51 4.22
CA ALA A 320 29.08 -19.31 5.21
C ALA A 320 27.89 -20.05 4.59
N LYS A 321 27.56 -21.20 5.17
CA LYS A 321 26.36 -21.94 4.79
C LYS A 321 25.11 -21.07 4.94
N MET A 322 25.01 -20.32 6.04
CA MET A 322 23.90 -19.40 6.25
C MET A 322 24.46 -18.08 6.76
N SER A 323 23.91 -16.98 6.24
CA SER A 323 24.42 -15.64 6.57
C SER A 323 23.55 -14.87 7.54
N VAL A 324 22.24 -15.12 7.61
CA VAL A 324 21.35 -14.50 8.58
C VAL A 324 20.45 -15.60 9.13
N VAL A 325 20.46 -15.81 10.45
CA VAL A 325 19.67 -16.84 11.12
C VAL A 325 18.98 -16.18 12.31
N ARG A 326 17.68 -16.43 12.48
CA ARG A 326 16.90 -15.77 13.53
C ARG A 326 15.83 -16.70 14.08
N SER A 327 15.65 -16.68 15.41
CA SER A 327 14.54 -17.39 16.04
C SER A 327 13.21 -16.89 15.49
N GLU A 328 12.28 -17.83 15.24
CA GLU A 328 10.97 -17.47 14.70
C GLU A 328 9.81 -18.04 15.50
N TYR A 329 9.95 -19.24 16.06
CA TYR A 329 8.85 -19.86 16.81
C TYR A 329 9.39 -20.55 18.04
N PHE A 330 8.70 -20.36 19.17
CA PHE A 330 9.01 -21.06 20.42
C PHE A 330 7.96 -22.13 20.62
N MET A 331 8.35 -23.38 20.54
CA MET A 331 7.42 -24.50 20.46
C MET A 331 7.09 -25.04 21.85
N ASP A 332 5.95 -25.72 21.93
CA ASP A 332 5.41 -26.17 23.21
C ASP A 332 6.15 -27.35 23.80
N ASP A 333 7.07 -27.97 23.05
CA ASP A 333 7.90 -29.05 23.57
C ASP A 333 9.33 -28.59 23.86
N ASP A 334 9.50 -27.34 24.27
CA ASP A 334 10.82 -26.80 24.64
C ASP A 334 11.82 -26.91 23.50
N THR A 335 11.40 -26.43 22.32
CA THR A 335 12.29 -26.29 21.18
C THR A 335 12.05 -24.92 20.54
N THR A 336 13.00 -24.50 19.71
CA THR A 336 12.89 -23.24 18.98
C THR A 336 13.11 -23.53 17.50
N ILE A 337 12.25 -22.98 16.65
CA ILE A 337 12.46 -23.04 15.20
C ILE A 337 13.04 -21.71 14.75
N LEU A 338 14.16 -21.78 14.02
CA LEU A 338 14.84 -20.62 13.47
C LEU A 338 14.77 -20.67 11.95
N VAL A 339 14.79 -19.48 11.33
CA VAL A 339 14.87 -19.34 9.88
C VAL A 339 16.29 -18.92 9.52
N GLY A 340 16.74 -19.31 8.33
CA GLY A 340 18.05 -18.90 7.86
C GLY A 340 18.08 -18.67 6.36
N PHE A 341 18.94 -17.74 5.93
CA PHE A 341 19.16 -17.41 4.53
C PHE A 341 20.65 -17.49 4.22
N GLY A 342 20.97 -18.18 3.12
CA GLY A 342 22.35 -18.39 2.74
C GLY A 342 22.54 -18.09 1.26
N TYR A 343 23.78 -17.75 0.91
CA TYR A 343 24.11 -17.25 -0.42
C TYR A 343 24.26 -18.33 -1.48
N ASP A 344 24.32 -19.60 -1.10
CA ASP A 344 24.77 -20.62 -2.04
C ASP A 344 24.06 -21.94 -1.77
N ASN A 345 23.02 -22.23 -2.55
CA ASN A 345 22.22 -23.43 -2.35
C ASN A 345 23.07 -24.68 -2.42
N THR A 346 24.22 -24.70 -3.06
CA THR A 346 24.83 -26.03 -3.14
C THR A 346 25.77 -26.31 -1.99
N ASN A 347 26.06 -25.32 -1.13
CA ASN A 347 26.96 -25.54 -0.03
C ASN A 347 26.24 -26.05 1.19
N ILE A 348 24.94 -26.30 1.11
CA ILE A 348 24.19 -26.77 2.28
C ILE A 348 23.07 -27.68 1.81
N ASP A 349 22.87 -28.78 2.54
CA ASP A 349 21.68 -29.63 2.37
C ASP A 349 20.68 -29.22 3.45
N LEU A 350 19.57 -28.60 3.02
CA LEU A 350 18.59 -28.03 3.94
C LEU A 350 17.94 -29.08 4.83
N ASN A 351 18.04 -30.35 4.48
CA ASN A 351 17.40 -31.42 5.24
C ASN A 351 18.41 -32.31 5.95
N SER A 352 19.66 -31.88 6.01
CA SER A 352 20.72 -32.62 6.70
C SER A 352 20.92 -32.04 8.09
N ILE A 353 20.66 -32.85 9.12
CA ILE A 353 20.85 -32.39 10.50
C ILE A 353 22.29 -31.96 10.73
N GLU A 354 23.24 -32.67 10.13
CA GLU A 354 24.64 -32.29 10.32
C GLU A 354 24.95 -30.92 9.71
N ASP A 355 24.41 -30.61 8.53
CA ASP A 355 24.65 -29.30 7.96
C ASP A 355 23.97 -28.20 8.77
N ALA A 356 22.75 -28.46 9.28
CA ALA A 356 22.09 -27.48 10.13
C ALA A 356 22.86 -27.26 11.42
N GLN A 357 23.42 -28.33 11.99
CA GLN A 357 24.28 -28.15 13.17
C GLN A 357 25.52 -27.33 12.82
N ALA A 358 26.09 -27.55 11.63
CA ALA A 358 27.23 -26.73 11.19
C ALA A 358 26.85 -25.26 11.12
N VAL A 359 25.61 -24.96 10.70
CA VAL A 359 25.13 -23.57 10.66
C VAL A 359 25.15 -22.97 12.05
N ILE A 360 24.50 -23.64 13.01
CA ILE A 360 24.43 -23.13 14.37
C ILE A 360 25.83 -23.01 14.97
N ASN A 361 26.70 -23.97 14.65
CA ASN A 361 28.09 -23.96 15.13
C ASN A 361 28.90 -22.80 14.57
N GLN A 362 28.38 -22.07 13.60
CA GLN A 362 29.05 -20.84 13.16
C GLN A 362 29.16 -19.83 14.30
N TRP A 363 28.24 -19.87 15.26
CA TRP A 363 28.17 -18.89 16.34
C TRP A 363 28.27 -19.46 17.74
N ARG A 364 27.79 -20.68 17.97
CA ARG A 364 27.72 -21.23 19.31
C ARG A 364 28.12 -22.70 19.30
N ASP A 365 28.57 -23.18 20.46
CA ASP A 365 28.91 -24.59 20.60
C ASP A 365 27.99 -25.32 21.56
N ASP A 366 26.96 -24.65 22.07
CA ASP A 366 26.12 -25.19 23.13
C ASP A 366 24.67 -25.35 22.70
N LEU A 367 24.35 -25.16 21.42
CA LEU A 367 23.00 -25.31 20.93
C LEU A 367 22.93 -26.56 20.05
N GLU A 368 21.89 -27.37 20.25
CA GLU A 368 21.79 -28.68 19.63
C GLU A 368 20.63 -28.73 18.65
N VAL A 369 20.93 -29.05 17.39
CA VAL A 369 19.90 -29.18 16.36
C VAL A 369 19.24 -30.55 16.49
N VAL A 370 17.91 -30.57 16.46
CA VAL A 370 17.14 -31.80 16.47
C VAL A 370 16.35 -32.06 15.20
N ASP A 371 16.15 -31.04 14.34
CA ASP A 371 15.42 -31.22 13.08
C ASP A 371 15.79 -30.07 12.16
N THR A 372 15.58 -30.26 10.86
CA THR A 372 15.85 -29.22 9.87
C THR A 372 15.03 -29.51 8.62
N THR A 373 14.66 -28.46 7.90
CA THR A 373 13.91 -28.66 6.66
C THR A 373 14.06 -27.44 5.75
N GLY A 374 13.74 -27.67 4.48
CA GLY A 374 13.67 -26.60 3.51
C GLY A 374 13.43 -27.19 2.15
N HIS A 375 13.11 -26.31 1.20
CA HIS A 375 12.98 -26.71 -0.20
C HIS A 375 13.98 -25.90 -1.01
N ASN A 376 14.84 -26.60 -1.75
CA ASN A 376 15.90 -25.96 -2.53
C ASN A 376 15.33 -25.48 -3.86
N TRP A 377 14.81 -24.24 -3.85
CA TRP A 377 14.16 -23.67 -5.03
C TRP A 377 15.09 -23.63 -6.23
N VAL A 378 16.39 -23.41 -6.00
CA VAL A 378 17.33 -23.31 -7.12
C VAL A 378 17.40 -24.64 -7.87
N ALA A 379 17.30 -25.75 -7.15
CA ALA A 379 17.32 -27.09 -7.74
C ALA A 379 15.93 -27.60 -8.09
N ASP A 380 14.94 -26.71 -8.11
CA ASP A 380 13.58 -27.05 -8.48
C ASP A 380 13.41 -26.63 -9.93
N LYS A 381 13.20 -27.62 -10.81
CA LYS A 381 13.14 -27.34 -12.24
C LYS A 381 12.13 -26.28 -12.64
N TRP A 382 11.08 -26.07 -11.86
CA TRP A 382 10.06 -25.10 -12.21
C TRP A 382 10.31 -23.74 -11.60
N ALA A 383 11.43 -23.57 -10.90
CA ALA A 383 11.82 -22.29 -10.33
C ALA A 383 13.23 -21.93 -10.75
N GLY A 384 14.22 -22.73 -10.32
CA GLY A 384 15.59 -22.50 -10.73
C GLY A 384 16.24 -21.28 -10.13
N GLN A 385 15.64 -20.73 -9.08
CA GLN A 385 16.06 -19.51 -8.41
C GLN A 385 15.28 -19.44 -7.11
N ALA A 386 15.76 -18.60 -6.19
CA ALA A 386 14.96 -18.18 -5.05
C ALA A 386 14.15 -16.95 -5.47
N TRP A 387 14.14 -15.89 -4.69
CA TRP A 387 13.54 -14.65 -5.18
C TRP A 387 14.52 -13.93 -6.11
N GLY A 388 13.99 -13.29 -7.14
CA GLY A 388 14.86 -12.68 -8.14
C GLY A 388 15.58 -11.45 -7.60
N THR A 389 16.91 -11.43 -7.76
CA THR A 389 17.73 -10.29 -7.40
C THR A 389 18.67 -9.97 -8.56
N LEU A 390 19.26 -8.77 -8.52
CA LEU A 390 19.90 -8.19 -9.71
C LEU A 390 21.42 -8.34 -9.68
N ARG A 391 21.98 -8.90 -10.75
CA ARG A 391 23.41 -8.80 -11.02
C ARG A 391 23.74 -7.40 -11.53
N LYS A 392 25.02 -7.05 -11.45
CA LYS A 392 25.51 -5.81 -12.05
C LYS A 392 24.98 -5.67 -13.47
N GLY A 393 24.47 -4.47 -13.78
CA GLY A 393 23.94 -4.18 -15.09
C GLY A 393 22.48 -4.54 -15.29
N GLN A 394 21.88 -5.33 -14.40
CA GLN A 394 20.52 -5.82 -14.61
C GLN A 394 19.45 -4.86 -14.11
N PHE A 395 19.81 -3.80 -13.38
CA PHE A 395 18.80 -2.79 -13.05
C PHE A 395 18.37 -2.02 -14.29
N THR A 396 19.33 -1.63 -15.14
CA THR A 396 19.03 -0.83 -16.31
C THR A 396 18.93 -1.63 -17.61
N GLN A 397 19.53 -2.83 -17.67
CA GLN A 397 19.48 -3.66 -18.87
C GLN A 397 19.19 -5.10 -18.45
N GLY A 398 18.08 -5.28 -17.74
CA GLY A 398 17.71 -6.59 -17.22
C GLY A 398 16.21 -6.80 -17.17
N TRP A 399 15.61 -6.53 -16.01
CA TRP A 399 14.20 -6.84 -15.78
C TRP A 399 13.26 -6.10 -16.74
N SER A 400 13.61 -4.87 -17.13
CA SER A 400 12.71 -4.10 -17.98
C SER A 400 12.70 -4.57 -19.42
N LEU A 401 13.67 -5.39 -19.82
CA LEU A 401 13.74 -5.82 -21.21
C LEU A 401 12.65 -6.83 -21.55
N PHE A 402 12.05 -7.46 -20.55
CA PHE A 402 11.01 -8.46 -20.81
C PHE A 402 9.70 -7.84 -21.30
N ASP A 403 9.58 -6.52 -21.21
CA ASP A 403 8.46 -5.78 -21.77
C ASP A 403 8.63 -5.51 -23.26
N ASP A 404 9.86 -5.62 -23.77
CA ASP A 404 10.17 -5.29 -25.15
C ASP A 404 9.85 -6.46 -26.07
N THR A 405 8.60 -6.94 -25.98
CA THR A 405 8.10 -8.04 -26.79
C THR A 405 6.96 -7.53 -27.64
N ASP A 406 7.15 -7.54 -28.96
CA ASP A 406 6.19 -6.96 -29.88
C ASP A 406 4.96 -7.85 -30.06
N SER A 407 5.06 -9.13 -29.71
CA SER A 407 4.05 -10.16 -29.98
C SER A 407 3.04 -10.26 -28.84
N GLN A 408 2.12 -11.23 -28.98
CA GLN A 408 1.08 -11.46 -27.96
C GLN A 408 1.58 -12.37 -26.84
N LEU A 409 2.89 -12.52 -26.73
CA LEU A 409 3.49 -13.13 -25.55
C LEU A 409 3.84 -12.02 -24.56
N PHE A 410 3.37 -12.17 -23.32
CA PHE A 410 3.62 -11.20 -22.26
C PHE A 410 4.31 -11.91 -21.11
N PHE A 411 5.38 -11.31 -20.60
CA PHE A 411 6.06 -11.81 -19.40
C PHE A 411 5.54 -11.09 -18.16
N ALA A 412 5.09 -11.85 -17.17
CA ALA A 412 4.59 -11.30 -15.93
C ALA A 412 5.18 -12.11 -14.78
N GLY A 413 5.35 -11.46 -13.65
CA GLY A 413 5.96 -12.10 -12.51
C GLY A 413 6.63 -11.06 -11.64
N SER A 414 6.91 -11.45 -10.40
CA SER A 414 7.53 -10.51 -9.48
C SER A 414 8.83 -9.94 -10.06
N ASP A 415 9.59 -10.75 -10.79
CA ASP A 415 10.91 -10.35 -11.27
C ASP A 415 10.86 -9.19 -12.27
N TYR A 416 9.69 -8.81 -12.78
CA TYR A 416 9.59 -7.73 -13.75
C TYR A 416 8.82 -6.53 -13.21
N ALA A 417 8.54 -6.50 -11.91
CA ALA A 417 7.72 -5.45 -11.34
C ALA A 417 8.48 -4.12 -11.26
N TYR A 418 7.72 -3.03 -11.26
CA TYR A 418 8.32 -1.72 -11.06
C TYR A 418 8.67 -1.45 -9.61
N GLY A 419 7.97 -2.07 -8.67
CA GLY A 419 8.11 -1.75 -7.25
C GLY A 419 8.98 -2.72 -6.49
N TRP A 420 8.37 -3.57 -5.66
CA TRP A 420 9.08 -4.55 -4.84
C TRP A 420 9.42 -5.78 -5.68
N ARG A 421 10.34 -5.55 -6.61
CA ARG A 421 10.62 -6.49 -7.69
C ARG A 421 11.42 -7.70 -7.19
N GLY A 422 10.90 -8.89 -7.50
CA GLY A 422 11.60 -10.14 -7.24
C GLY A 422 11.44 -10.58 -5.82
N VAL A 423 11.87 -9.71 -4.91
CA VAL A 423 11.94 -10.00 -3.49
C VAL A 423 10.59 -10.24 -2.85
N SER A 424 9.51 -9.70 -3.42
N SER A 424 9.50 -9.72 -3.42
CA SER A 424 8.22 -9.68 -2.73
CA SER A 424 8.23 -9.70 -2.72
C SER A 424 7.07 -10.22 -3.57
C SER A 424 7.08 -10.22 -3.57
N VAL A 425 6.14 -10.89 -2.88
CA VAL A 425 4.83 -11.23 -3.45
C VAL A 425 4.15 -9.97 -3.98
N ASP A 426 4.40 -8.81 -3.35
CA ASP A 426 3.83 -7.56 -3.84
C ASP A 426 4.17 -7.33 -5.31
N GLY A 427 5.39 -7.69 -5.71
CA GLY A 427 5.79 -7.54 -7.11
C GLY A 427 5.09 -8.50 -8.04
N ALA A 428 4.84 -9.73 -7.58
CA ALA A 428 4.07 -10.67 -8.39
C ALA A 428 2.62 -10.21 -8.56
N LEU A 429 2.01 -9.73 -7.48
CA LEU A 429 0.65 -9.26 -7.56
C LEU A 429 0.53 -8.00 -8.39
N GLU A 430 1.55 -7.13 -8.30
CA GLU A 430 1.57 -5.94 -9.15
C GLU A 430 1.63 -6.33 -10.62
N LYS A 431 2.64 -7.12 -10.99
CA LYS A 431 2.91 -7.33 -12.41
C LYS A 431 1.94 -8.31 -13.05
N GLY A 432 1.43 -9.28 -12.30
CA GLY A 432 0.36 -10.12 -12.83
C GLY A 432 -0.87 -9.31 -13.17
N MET A 433 -1.24 -8.37 -12.28
CA MET A 433 -2.43 -7.55 -12.51
C MET A 433 -2.23 -6.58 -13.67
N THR A 434 -1.08 -5.90 -13.71
CA THR A 434 -0.88 -4.92 -14.78
C THR A 434 -0.68 -5.59 -16.14
N THR A 435 -0.12 -6.80 -16.17
CA THR A 435 0.00 -7.52 -17.44
C THR A 435 -1.37 -7.94 -17.94
N ALA A 436 -2.23 -8.39 -17.04
CA ALA A 436 -3.62 -8.61 -17.43
C ALA A 436 -4.24 -7.34 -18.00
N ARG A 437 -3.92 -6.18 -17.41
CA ARG A 437 -4.46 -4.93 -17.97
C ARG A 437 -3.91 -4.65 -19.36
N GLN A 438 -2.64 -4.99 -19.61
CA GLN A 438 -2.10 -4.86 -20.96
C GLN A 438 -2.94 -5.67 -21.95
N VAL A 439 -3.27 -6.90 -21.58
CA VAL A 439 -4.09 -7.75 -22.42
C VAL A 439 -5.50 -7.16 -22.58
N ILE A 440 -6.10 -6.71 -21.48
CA ILE A 440 -7.44 -6.12 -21.52
C ILE A 440 -7.45 -4.90 -22.43
N ASN A 441 -6.49 -3.99 -22.23
CA ASN A 441 -6.49 -2.75 -23.01
C ASN A 441 -6.32 -3.04 -24.50
N SER A 442 -5.50 -4.02 -24.83
CA SER A 442 -5.29 -4.39 -26.23
C SER A 442 -6.58 -4.91 -26.86
N MET A 443 -7.31 -5.75 -26.13
CA MET A 443 -8.56 -6.29 -26.64
C MET A 443 -9.64 -5.21 -26.76
N ARG A 444 -9.67 -4.26 -25.83
CA ARG A 444 -10.67 -3.19 -25.85
C ARG A 444 -10.46 -2.22 -27.01
N LYS B 5 -28.81 -8.09 -8.59
CA LYS B 5 -29.80 -8.18 -7.54
C LYS B 5 -29.26 -7.70 -6.17
N VAL B 6 -27.94 -7.52 -6.03
CA VAL B 6 -27.45 -6.65 -4.96
C VAL B 6 -27.60 -5.21 -5.42
N VAL B 7 -28.27 -4.39 -4.63
CA VAL B 7 -28.44 -2.97 -4.94
C VAL B 7 -27.38 -2.18 -4.18
N ILE B 8 -26.57 -1.43 -4.92
CA ILE B 8 -25.54 -0.56 -4.36
C ILE B 8 -26.06 0.86 -4.45
N ILE B 9 -26.13 1.56 -3.32
CA ILE B 9 -26.60 2.95 -3.28
C ILE B 9 -25.38 3.86 -3.30
N GLY B 10 -25.20 4.58 -4.40
CA GLY B 10 -24.10 5.53 -4.55
C GLY B 10 -22.99 5.06 -5.47
N ALA B 11 -22.59 5.93 -6.39
CA ALA B 11 -21.50 5.66 -7.32
C ALA B 11 -20.26 6.49 -7.01
N GLY B 12 -19.94 6.63 -5.73
CA GLY B 12 -18.61 7.07 -5.33
C GLY B 12 -17.64 5.90 -5.39
N PHE B 13 -16.43 6.12 -4.86
CA PHE B 13 -15.41 5.08 -4.95
C PHE B 13 -15.84 3.79 -4.26
N ALA B 14 -16.52 3.89 -3.11
CA ALA B 14 -16.90 2.67 -2.40
C ALA B 14 -17.92 1.86 -3.19
N GLY B 15 -18.92 2.52 -3.76
CA GLY B 15 -19.92 1.79 -4.54
C GLY B 15 -19.37 1.24 -5.84
N LEU B 16 -18.50 2.01 -6.50
CA LEU B 16 -17.89 1.55 -7.75
C LEU B 16 -17.03 0.33 -7.51
N VAL B 17 -16.17 0.37 -6.50
CA VAL B 17 -15.27 -0.77 -6.26
C VAL B 17 -16.06 -1.97 -5.75
N ALA B 18 -17.15 -1.74 -5.01
CA ALA B 18 -17.98 -2.86 -4.56
C ALA B 18 -18.63 -3.55 -5.75
N ALA B 19 -19.11 -2.77 -6.71
CA ALA B 19 -19.72 -3.33 -7.90
C ALA B 19 -18.71 -4.16 -8.69
N ARG B 20 -17.49 -3.66 -8.84
CA ARG B 20 -16.48 -4.41 -9.57
C ARG B 20 -16.14 -5.72 -8.85
N GLU B 21 -16.11 -5.70 -7.51
CA GLU B 21 -15.84 -6.91 -6.75
C GLU B 21 -16.93 -7.95 -6.93
N LEU B 22 -18.20 -7.52 -6.86
CA LEU B 22 -19.31 -8.44 -7.09
C LEU B 22 -19.26 -9.00 -8.49
N GLN B 23 -18.92 -8.17 -9.48
CA GLN B 23 -18.79 -8.64 -10.85
C GLN B 23 -17.75 -9.76 -10.96
N THR B 24 -16.60 -9.58 -10.31
CA THR B 24 -15.58 -10.63 -10.29
C THR B 24 -16.14 -11.95 -9.76
N ALA B 25 -17.05 -11.88 -8.79
CA ALA B 25 -17.66 -13.07 -8.21
C ALA B 25 -18.86 -13.57 -8.99
N GLY B 26 -19.23 -12.92 -10.09
CA GLY B 26 -20.38 -13.34 -10.85
C GLY B 26 -21.72 -13.06 -10.21
N ILE B 27 -21.79 -12.05 -9.34
CA ILE B 27 -23.01 -11.70 -8.61
C ILE B 27 -23.64 -10.49 -9.29
N GLU B 28 -24.92 -10.58 -9.60
CA GLU B 28 -25.63 -9.51 -10.28
C GLU B 28 -25.81 -8.32 -9.35
N TYR B 29 -25.69 -7.12 -9.88
CA TYR B 29 -25.77 -5.90 -9.07
C TYR B 29 -26.38 -4.78 -9.90
N GLU B 30 -26.73 -3.70 -9.21
CA GLU B 30 -27.11 -2.46 -9.87
C GLU B 30 -26.71 -1.32 -8.95
N ILE B 31 -26.11 -0.27 -9.53
CA ILE B 31 -25.76 0.93 -8.77
C ILE B 31 -26.79 2.00 -9.04
N LEU B 32 -27.38 2.53 -7.98
CA LEU B 32 -28.30 3.66 -8.07
C LEU B 32 -27.62 4.90 -7.51
N GLU B 33 -27.50 5.94 -8.35
CA GLU B 33 -26.80 7.17 -7.98
C GLU B 33 -27.76 8.37 -8.09
N ALA B 34 -27.79 9.19 -7.05
CA ALA B 34 -28.71 10.33 -7.00
C ALA B 34 -28.35 11.39 -8.03
N LYS B 35 -27.06 11.66 -8.23
CA LYS B 35 -26.61 12.76 -9.08
C LYS B 35 -26.58 12.35 -10.56
N ASP B 36 -26.31 13.34 -11.40
CA ASP B 36 -26.10 13.15 -12.83
C ASP B 36 -24.63 12.86 -13.15
N ARG B 37 -23.86 12.39 -12.16
CA ARG B 37 -22.43 12.15 -12.33
C ARG B 37 -22.01 11.07 -11.34
N ILE B 38 -20.89 10.42 -11.64
CA ILE B 38 -20.26 9.48 -10.74
C ILE B 38 -19.04 10.12 -10.08
N GLY B 39 -18.58 9.50 -8.99
CA GLY B 39 -17.38 9.91 -8.28
C GLY B 39 -17.64 10.39 -6.87
N GLY B 40 -18.85 10.89 -6.60
CA GLY B 40 -19.17 11.32 -5.25
C GLY B 40 -18.31 12.47 -4.77
N ARG B 41 -17.69 12.29 -3.61
CA ARG B 41 -16.86 13.34 -3.05
C ARG B 41 -15.47 13.40 -3.66
N ALA B 42 -15.19 12.58 -4.68
CA ALA B 42 -14.12 12.82 -5.64
C ALA B 42 -14.74 13.40 -6.90
N TRP B 43 -14.22 14.55 -7.35
CA TRP B 43 -14.84 15.25 -8.48
C TRP B 43 -13.78 16.12 -9.17
N THR B 44 -13.25 15.64 -10.28
CA THR B 44 -12.34 16.42 -11.12
C THR B 44 -13.16 17.18 -12.15
N GLU B 45 -13.01 18.50 -12.19
CA GLU B 45 -13.73 19.30 -13.16
C GLU B 45 -12.90 20.51 -13.59
N GLU B 46 -13.04 20.88 -14.86
CA GLU B 46 -12.39 22.09 -15.38
C GLU B 46 -13.01 23.33 -14.74
N ARG B 47 -12.18 24.12 -14.03
CA ARG B 47 -12.61 25.38 -13.44
C ARG B 47 -11.41 26.31 -13.44
N MET B 48 -11.65 27.61 -13.65
CA MET B 48 -10.58 28.61 -13.63
C MET B 48 -9.43 28.27 -14.57
N GLY B 49 -9.71 27.54 -15.66
CA GLY B 49 -8.72 27.32 -16.71
C GLY B 49 -7.98 26.00 -16.69
N ARG B 50 -8.27 25.09 -15.76
CA ARG B 50 -7.60 23.80 -15.73
C ARG B 50 -8.46 22.83 -14.93
N PRO B 51 -8.18 21.52 -15.01
CA PRO B 51 -8.91 20.58 -14.14
C PRO B 51 -8.56 20.80 -12.67
N LEU B 52 -9.58 20.92 -11.84
CA LEU B 52 -9.37 21.10 -10.40
C LEU B 52 -10.14 20.02 -9.65
N GLU B 53 -9.58 19.59 -8.53
CA GLU B 53 -10.24 18.59 -7.68
C GLU B 53 -11.14 19.34 -6.69
N LEU B 54 -12.45 19.27 -6.91
CA LEU B 54 -13.37 19.92 -5.98
C LEU B 54 -13.50 19.15 -4.68
N GLY B 55 -13.19 17.85 -4.73
CA GLY B 55 -13.04 16.99 -3.58
C GLY B 55 -12.03 15.96 -4.05
N ALA B 56 -11.59 15.14 -3.10
CA ALA B 56 -10.34 14.36 -3.11
C ALA B 56 -9.24 14.78 -4.06
N THR B 57 -8.01 14.94 -3.52
CA THR B 57 -6.86 15.33 -4.34
C THR B 57 -5.65 14.41 -4.21
N TRP B 58 -5.17 14.18 -2.99
CA TRP B 58 -3.82 13.64 -2.79
C TRP B 58 -3.82 12.13 -2.52
N VAL B 59 -2.74 11.47 -2.96
CA VAL B 59 -2.59 10.01 -2.92
C VAL B 59 -1.16 9.65 -2.52
N HIS B 60 -0.93 8.36 -2.26
CA HIS B 60 0.42 7.90 -1.91
C HIS B 60 0.50 6.37 -2.05
N TRP B 61 1.72 5.87 -2.32
CA TRP B 61 1.94 4.43 -2.49
C TRP B 61 1.88 3.65 -1.18
N PHE B 62 1.91 4.34 -0.03
CA PHE B 62 1.66 3.68 1.25
C PHE B 62 0.17 3.51 1.53
N GLN B 63 -0.71 3.89 0.61
CA GLN B 63 -2.15 3.68 0.72
C GLN B 63 -2.50 2.54 -0.23
N ALA B 64 -2.71 1.35 0.34
CA ALA B 64 -2.71 0.13 -0.47
C ALA B 64 -3.83 0.11 -1.49
N HIS B 65 -5.04 0.50 -1.09
CA HIS B 65 -6.18 0.41 -1.99
C HIS B 65 -6.13 1.47 -3.08
N THR B 66 -5.81 2.70 -2.71
CA THR B 66 -5.65 3.75 -3.72
C THR B 66 -4.52 3.42 -4.69
N TRP B 67 -3.37 3.00 -4.16
CA TRP B 67 -2.22 2.75 -5.02
C TRP B 67 -2.48 1.61 -6.01
N THR B 68 -3.18 0.55 -5.57
CA THR B 68 -3.47 -0.53 -6.54
C THR B 68 -4.31 -0.02 -7.71
N GLU B 69 -5.27 0.89 -7.45
CA GLU B 69 -6.07 1.44 -8.54
C GLU B 69 -5.24 2.34 -9.44
N ILE B 70 -4.34 3.14 -8.85
CA ILE B 70 -3.42 3.96 -9.64
C ILE B 70 -2.64 3.08 -10.61
N MET B 71 -2.13 1.95 -10.12
CA MET B 71 -1.38 1.03 -10.98
C MET B 71 -2.30 0.41 -12.03
N ARG B 72 -3.49 -0.04 -11.61
CA ARG B 72 -4.41 -0.72 -12.51
C ARG B 72 -4.82 0.15 -13.70
N TYR B 73 -5.10 1.43 -13.46
CA TYR B 73 -5.62 2.31 -14.50
C TYR B 73 -4.55 3.17 -15.15
N GLY B 74 -3.28 2.77 -15.04
CA GLY B 74 -2.24 3.36 -15.86
C GLY B 74 -1.64 4.65 -15.35
N GLN B 75 -1.81 4.96 -14.07
CA GLN B 75 -1.43 6.25 -13.54
C GLN B 75 -0.14 6.22 -12.73
N ARG B 76 0.61 5.11 -12.79
CA ARG B 76 1.83 4.91 -11.99
C ARG B 76 2.77 6.11 -12.04
N THR B 77 3.04 6.65 -13.23
CA THR B 77 3.95 7.78 -13.37
C THR B 77 3.23 9.11 -13.50
N GLU B 78 1.90 9.12 -13.43
CA GLU B 78 1.11 10.33 -13.63
C GLU B 78 0.75 10.99 -12.31
N ILE B 79 1.74 11.15 -11.44
CA ILE B 79 1.59 11.87 -10.18
C ILE B 79 2.66 12.95 -10.13
N THR B 80 2.31 14.08 -9.49
CA THR B 80 3.21 15.22 -9.37
C THR B 80 3.06 15.78 -7.96
N ALA B 81 4.19 16.13 -7.34
CA ALA B 81 4.16 16.69 -5.99
C ALA B 81 3.69 18.14 -6.03
N SER B 82 2.90 18.52 -5.01
CA SER B 82 2.50 19.91 -4.86
C SER B 82 3.74 20.79 -4.64
N PRO B 83 3.64 22.09 -4.93
CA PRO B 83 4.79 23.00 -4.73
C PRO B 83 5.25 23.02 -3.28
N SER B 84 6.56 23.07 -3.09
CA SER B 84 7.19 23.14 -1.78
C SER B 84 8.20 24.29 -1.78
N GLY B 85 8.87 24.48 -0.65
CA GLY B 85 9.72 25.65 -0.52
C GLY B 85 8.97 26.96 -0.62
N ASN B 86 7.73 27.00 -0.16
CA ASN B 86 6.93 28.22 -0.21
C ASN B 86 7.37 29.19 0.88
N ASP B 87 7.13 30.47 0.65
CA ASP B 87 7.25 31.45 1.74
C ASP B 87 6.07 31.24 2.69
N ALA B 88 6.37 30.99 3.95
CA ALA B 88 5.37 30.62 4.94
C ALA B 88 4.95 31.80 5.80
N HIS B 89 3.69 31.76 6.23
CA HIS B 89 3.06 32.81 7.01
C HIS B 89 2.13 32.13 7.99
N TRP B 90 2.14 32.57 9.25
CA TRP B 90 1.25 31.98 10.23
C TRP B 90 0.77 33.02 11.23
N VAL B 91 -0.51 32.94 11.59
CA VAL B 91 -1.12 33.89 12.51
C VAL B 91 -1.01 33.36 13.92
N THR B 92 -0.53 34.16 14.86
CA THR B 92 -0.57 33.61 16.20
C THR B 92 -1.47 34.40 17.15
N ASP B 93 -0.96 35.43 17.78
CA ASP B 93 -1.79 36.26 18.64
C ASP B 93 -2.27 37.48 17.86
N GLY B 94 -3.07 37.19 16.83
CA GLY B 94 -3.59 38.23 15.94
C GLY B 94 -2.54 38.85 15.06
N LYS B 95 -1.38 38.20 14.89
CA LYS B 95 -0.26 38.79 14.18
C LYS B 95 0.30 37.79 13.17
N VAL B 96 0.82 38.30 12.05
CA VAL B 96 1.30 37.44 10.96
C VAL B 96 2.82 37.28 11.09
N VAL B 97 3.26 36.06 11.35
CA VAL B 97 4.69 35.72 11.39
C VAL B 97 5.10 35.22 10.02
N LYS B 98 6.28 35.61 9.56
CA LYS B 98 6.80 35.15 8.29
C LYS B 98 8.03 34.27 8.52
N GLY B 99 8.11 33.19 7.77
CA GLY B 99 9.23 32.29 7.91
C GLY B 99 9.31 31.33 6.74
N THR B 100 10.12 30.30 6.90
CA THR B 100 10.29 29.30 5.86
C THR B 100 9.36 28.12 6.14
N GLU B 101 9.09 27.35 5.09
CA GLU B 101 8.40 26.09 5.28
C GLU B 101 9.13 25.20 6.27
N ASP B 102 10.47 25.24 6.27
CA ASP B 102 11.26 24.45 7.20
C ASP B 102 11.00 24.87 8.65
N ASP B 103 10.94 26.18 8.92
CA ASP B 103 10.59 26.63 10.26
C ASP B 103 9.27 26.03 10.70
N LEU B 104 8.26 26.12 9.83
CA LEU B 104 6.92 25.67 10.18
C LEU B 104 6.89 24.16 10.37
N ASP B 105 7.50 23.42 9.44
CA ASP B 105 7.51 21.97 9.52
C ASP B 105 8.22 21.49 10.78
N GLU B 106 9.26 22.20 11.21
CA GLU B 106 9.98 21.80 12.43
C GLU B 106 9.10 21.96 13.67
N LYS B 107 8.29 23.02 13.72
CA LYS B 107 7.39 23.17 14.85
C LYS B 107 6.29 22.12 14.85
N LEU B 108 5.73 21.83 13.68
CA LEU B 108 4.71 20.79 13.61
C LEU B 108 5.29 19.41 13.92
N THR B 109 6.55 19.18 13.56
CA THR B 109 7.17 17.88 13.84
C THR B 109 7.28 17.65 15.35
N ALA B 110 7.76 18.66 16.09
CA ALA B 110 7.84 18.51 17.54
C ALA B 110 6.46 18.30 18.14
N ALA B 111 5.48 19.07 17.69
CA ALA B 111 4.13 18.95 18.21
C ALA B 111 3.52 17.59 17.92
N MET B 112 3.81 17.02 16.74
CA MET B 112 3.24 15.72 16.40
C MET B 112 3.82 14.60 17.25
N GLY B 113 5.10 14.72 17.64
CA GLY B 113 5.68 13.72 18.53
C GLY B 113 4.86 13.54 19.79
N VAL B 114 4.43 14.65 20.40
CA VAL B 114 3.57 14.56 21.56
C VAL B 114 2.17 14.10 21.19
N THR B 115 1.67 14.53 20.02
CA THR B 115 0.31 14.17 19.61
C THR B 115 0.17 12.67 19.35
N TYR B 116 1.21 12.04 18.79
CA TYR B 116 1.13 10.62 18.49
C TYR B 116 1.32 9.74 19.73
N GLU B 117 1.75 10.30 20.86
CA GLU B 117 2.15 9.48 22.01
C GLU B 117 1.07 8.47 22.37
N GLY B 118 1.48 7.21 22.53
CA GLY B 118 0.56 6.12 22.77
C GLY B 118 0.26 5.28 21.55
N SER B 119 0.51 5.81 20.35
CA SER B 119 0.17 5.07 19.13
C SER B 119 0.89 3.73 19.04
N GLU B 120 2.10 3.62 19.58
CA GLU B 120 2.80 2.33 19.50
C GLU B 120 2.16 1.30 20.41
N GLU B 121 1.55 1.73 21.51
CA GLU B 121 0.83 0.82 22.40
C GLU B 121 -0.58 0.52 21.89
N TYR B 122 -1.23 1.50 21.26
CA TYR B 122 -2.60 1.31 20.80
C TYR B 122 -2.67 0.55 19.49
N PHE B 123 -1.71 0.80 18.59
CA PHE B 123 -1.85 0.42 17.18
C PHE B 123 -0.62 -0.34 16.65
N PRO B 124 -0.18 -1.40 17.34
CA PRO B 124 0.92 -2.20 16.75
C PRO B 124 0.61 -2.65 15.34
N ASN B 125 -0.63 -3.07 15.10
CA ASN B 125 -1.15 -3.22 13.75
C ASN B 125 -2.04 -2.01 13.51
N PRO B 126 -1.62 -1.02 12.71
CA PRO B 126 -2.43 0.19 12.59
C PRO B 126 -3.71 -0.01 11.81
N HIS B 127 -3.94 -1.22 11.28
CA HIS B 127 -5.20 -1.58 10.65
C HIS B 127 -6.13 -2.35 11.58
N ASP B 128 -5.80 -2.42 12.87
CA ASP B 128 -6.68 -2.96 13.90
C ASP B 128 -6.89 -1.87 14.96
N PRO B 129 -7.63 -0.81 14.62
CA PRO B 129 -7.73 0.35 15.52
C PRO B 129 -8.39 0.07 16.86
N LEU B 130 -9.26 -0.92 16.97
CA LEU B 130 -9.94 -1.18 18.23
C LEU B 130 -9.36 -2.39 18.97
N TRP B 131 -8.12 -2.76 18.64
CA TRP B 131 -7.48 -3.89 19.33
C TRP B 131 -7.50 -3.72 20.84
N VAL B 132 -7.26 -2.49 21.34
CA VAL B 132 -7.17 -2.26 22.78
C VAL B 132 -8.45 -2.65 23.50
N LEU B 133 -9.58 -2.58 22.81
CA LEU B 133 -10.88 -2.90 23.42
C LEU B 133 -11.30 -4.34 23.17
N SER B 134 -10.48 -5.13 22.47
CA SER B 134 -10.84 -6.49 22.11
C SER B 134 -10.48 -7.46 23.24
N ASP B 135 -11.10 -8.64 23.19
CA ASP B 135 -10.78 -9.69 24.14
C ASP B 135 -9.32 -10.11 24.04
N ASP B 136 -8.70 -9.90 22.87
CA ASP B 136 -7.33 -10.30 22.63
C ASP B 136 -6.31 -9.31 23.19
N PHE B 137 -6.74 -8.17 23.73
CA PHE B 137 -5.79 -7.18 24.22
C PHE B 137 -5.03 -7.74 25.41
N ASP B 138 -3.70 -7.69 25.34
CA ASP B 138 -2.82 -8.30 26.33
C ASP B 138 -1.90 -7.29 27.02
N GLY B 139 -2.23 -6.01 26.97
CA GLY B 139 -1.41 -5.00 27.58
C GLY B 139 -1.93 -4.58 28.94
N PRO B 140 -1.25 -3.64 29.58
CA PRO B 140 -1.68 -3.20 30.91
C PRO B 140 -3.02 -2.47 30.87
N ALA B 141 -3.74 -2.58 31.99
CA ALA B 141 -5.05 -1.92 32.10
C ALA B 141 -4.93 -0.42 31.93
N GLU B 142 -3.79 0.17 32.32
CA GLU B 142 -3.60 1.61 32.16
C GLU B 142 -3.65 2.01 30.70
N VAL B 143 -3.20 1.14 29.79
CA VAL B 143 -3.25 1.45 28.37
C VAL B 143 -4.68 1.58 27.89
N ARG B 144 -5.56 0.67 28.33
CA ARG B 144 -6.96 0.75 27.93
C ARG B 144 -7.64 1.97 28.54
N GLU B 145 -7.29 2.32 29.78
CA GLU B 145 -7.84 3.53 30.39
C GLU B 145 -7.43 4.77 29.60
N ARG B 146 -6.15 4.87 29.24
CA ARG B 146 -5.68 6.03 28.50
C ARG B 146 -6.29 6.08 27.11
N PHE B 147 -6.48 4.93 26.48
CA PHE B 147 -7.12 4.87 25.17
C PHE B 147 -8.52 5.47 25.22
N LEU B 148 -9.33 5.02 26.19
CA LEU B 148 -10.69 5.55 26.32
C LEU B 148 -10.67 7.03 26.63
N SER B 149 -9.72 7.47 27.46
CA SER B 149 -9.62 8.89 27.80
C SER B 149 -9.22 9.73 26.60
N ASP B 150 -8.35 9.19 25.74
CA ASP B 150 -7.91 9.93 24.56
C ASP B 150 -9.06 10.14 23.58
N ASP B 151 -10.08 9.26 23.58
CA ASP B 151 -11.25 9.50 22.75
C ASP B 151 -12.05 10.72 23.21
N GLN B 152 -11.84 11.18 24.45
CA GLN B 152 -12.55 12.33 24.99
C GLN B 152 -11.69 13.59 25.06
N THR B 153 -10.52 13.57 24.44
CA THR B 153 -9.59 14.70 24.44
C THR B 153 -9.34 15.11 23.01
N ASN B 154 -9.30 16.41 22.74
CA ASN B 154 -8.96 16.84 21.39
C ASN B 154 -7.44 16.92 21.19
N ALA B 155 -7.03 17.03 19.93
CA ALA B 155 -5.60 16.98 19.62
C ALA B 155 -4.86 18.23 20.05
N ILE B 156 -5.56 19.37 20.14
CA ILE B 156 -4.90 20.61 20.52
C ILE B 156 -4.55 20.61 22.00
N ASP B 157 -5.44 20.03 22.82
CA ASP B 157 -5.17 19.99 24.26
C ASP B 157 -3.95 19.17 24.60
N LEU B 158 -3.62 18.15 23.78
CA LEU B 158 -2.41 17.38 24.03
C LEU B 158 -1.17 18.26 23.91
N VAL B 159 -1.18 19.20 22.98
CA VAL B 159 -0.05 20.11 22.78
C VAL B 159 -0.01 21.17 23.87
N LYS B 160 -1.17 21.70 24.26
CA LYS B 160 -1.23 22.64 25.37
C LYS B 160 -0.70 22.01 26.65
N GLU B 161 -1.14 20.78 26.94
CA GLU B 161 -0.77 20.13 28.19
C GLU B 161 0.72 19.81 28.25
N ALA B 162 1.36 19.62 27.09
CA ALA B 162 2.79 19.37 27.03
C ALA B 162 3.62 20.62 27.25
N GLY B 163 3.00 21.79 27.34
CA GLY B 163 3.72 23.01 27.64
C GLY B 163 4.23 23.79 26.46
N PHE B 164 3.77 23.50 25.24
CA PHE B 164 4.19 24.28 24.08
C PHE B 164 3.68 25.72 24.20
N ASP B 165 4.38 26.64 23.54
CA ASP B 165 4.01 28.04 23.64
C ASP B 165 2.84 28.38 22.72
N GLN B 166 2.32 29.59 22.87
CA GLN B 166 1.12 30.01 22.13
C GLN B 166 1.34 29.97 20.63
N GLU B 167 2.56 30.29 20.18
CA GLU B 167 2.83 30.28 18.74
C GLU B 167 2.64 28.88 18.17
N THR B 168 3.19 27.87 18.84
CA THR B 168 2.98 26.49 18.40
C THR B 168 1.52 26.06 18.55
N ILE B 169 0.85 26.48 19.64
CA ILE B 169 -0.57 26.16 19.81
C ILE B 169 -1.37 26.69 18.62
N ASP B 170 -1.11 27.94 18.22
CA ASP B 170 -1.86 28.55 17.13
C ASP B 170 -1.58 27.84 15.80
N LEU B 171 -0.34 27.37 15.60
CA LEU B 171 0.00 26.60 14.41
C LEU B 171 -0.76 25.28 14.39
N VAL B 172 -0.78 24.59 15.52
CA VAL B 172 -1.44 23.28 15.62
C VAL B 172 -2.95 23.43 15.50
N ASP B 173 -3.50 24.51 16.07
CA ASP B 173 -4.91 24.85 15.89
C ASP B 173 -5.25 24.96 14.42
N ALA B 174 -4.49 25.77 13.67
CA ALA B 174 -4.70 25.88 12.23
C ALA B 174 -4.60 24.52 11.54
N PHE B 175 -3.55 23.76 11.86
CA PHE B 175 -3.32 22.47 11.22
C PHE B 175 -4.53 21.56 11.38
N TRP B 176 -5.07 21.48 12.59
CA TRP B 176 -6.17 20.55 12.84
C TRP B 176 -7.53 21.10 12.42
N CYS B 177 -7.66 22.42 12.29
CA CYS B 177 -8.86 22.94 11.63
C CYS B 177 -8.97 22.37 10.23
N ALA B 178 -7.83 22.27 9.53
CA ALA B 178 -7.81 21.62 8.22
C ALA B 178 -7.98 20.11 8.35
N GLY B 179 -7.20 19.47 9.23
CA GLY B 179 -7.21 18.01 9.31
C GLY B 179 -8.54 17.43 9.74
N TYR B 180 -9.16 18.03 10.75
CA TYR B 180 -10.50 17.63 11.17
C TYR B 180 -11.59 18.24 10.31
N ILE B 181 -11.22 19.11 9.35
CA ILE B 181 -12.13 19.79 8.43
C ILE B 181 -13.40 20.23 9.16
N GLY B 182 -13.18 20.95 10.26
CA GLY B 182 -14.21 21.25 11.23
C GLY B 182 -13.55 21.76 12.49
N ASP B 183 -14.38 22.04 13.49
CA ASP B 183 -13.87 22.55 14.75
C ASP B 183 -12.97 21.50 15.40
N PRO B 184 -11.65 21.74 15.49
CA PRO B 184 -10.79 20.70 16.08
C PRO B 184 -11.01 20.49 17.56
N TYR B 185 -11.60 21.47 18.25
CA TYR B 185 -11.76 21.37 19.70
C TYR B 185 -12.83 20.35 20.09
N THR B 186 -13.74 20.00 19.18
CA THR B 186 -14.72 18.96 19.44
C THR B 186 -14.27 17.58 18.98
N GLY B 187 -13.06 17.47 18.40
CA GLY B 187 -12.64 16.21 17.80
C GLY B 187 -11.96 15.25 18.78
N SER B 188 -11.87 13.99 18.36
CA SER B 188 -11.20 12.95 19.14
C SER B 188 -9.74 12.85 18.73
N ALA B 189 -8.85 12.97 19.72
CA ALA B 189 -7.42 12.87 19.46
C ALA B 189 -7.01 11.50 18.93
N LEU B 190 -7.81 10.46 19.17
CA LEU B 190 -7.46 9.14 18.66
C LEU B 190 -7.39 9.12 17.14
N MET B 191 -8.16 9.97 16.46
CA MET B 191 -8.04 10.06 15.00
C MET B 191 -6.62 10.43 14.60
N ALA B 192 -6.08 11.49 15.20
CA ALA B 192 -4.73 11.94 14.90
C ALA B 192 -3.70 10.88 15.25
N LYS B 193 -3.90 10.18 16.37
CA LYS B 193 -2.98 9.11 16.75
C LYS B 193 -2.97 7.98 15.74
N GLN B 194 -4.13 7.63 15.17
CA GLN B 194 -4.13 6.56 14.18
C GLN B 194 -3.50 7.02 12.87
N TRP B 195 -3.71 8.28 12.48
CA TRP B 195 -2.97 8.80 11.33
C TRP B 195 -1.47 8.64 11.54
N GLY B 196 -0.98 8.97 12.74
CA GLY B 196 0.42 8.73 13.04
C GLY B 196 0.82 7.28 12.85
N ALA B 197 0.02 6.36 13.41
CA ALA B 197 0.36 4.94 13.33
C ALA B 197 0.40 4.43 11.89
N LEU B 198 -0.41 5.00 11.00
CA LEU B 198 -0.40 4.63 9.59
C LEU B 198 0.72 5.34 8.82
N SER B 199 1.45 6.25 9.47
CA SER B 199 2.48 7.08 8.86
C SER B 199 3.82 6.87 9.53
N ASP B 200 4.05 5.68 10.08
CA ASP B 200 5.30 5.34 10.76
C ASP B 200 5.61 6.34 11.88
N ASN B 201 4.55 6.94 12.45
CA ASN B 201 4.66 7.87 13.58
C ASN B 201 5.59 9.05 13.29
N ARG B 202 5.57 9.52 12.04
CA ARG B 202 6.40 10.65 11.66
C ARG B 202 5.59 11.66 10.87
N TYR B 203 5.64 12.93 11.30
CA TYR B 203 4.89 14.00 10.65
C TYR B 203 5.16 14.06 9.16
N ARG B 204 6.43 13.93 8.75
CA ARG B 204 6.75 14.10 7.34
C ARG B 204 6.11 13.01 6.49
N VAL B 205 6.06 11.77 7.00
CA VAL B 205 5.37 10.72 6.27
C VAL B 205 3.87 10.99 6.22
N MET B 206 3.28 11.45 7.32
CA MET B 206 1.85 11.75 7.33
C MET B 206 1.51 12.81 6.28
N GLU B 207 2.34 13.85 6.18
CA GLU B 207 2.12 14.89 5.18
C GLU B 207 2.42 14.38 3.78
N ASP B 208 3.41 13.51 3.62
CA ASP B 208 3.66 12.93 2.32
C ASP B 208 2.47 12.10 1.85
N ILE B 209 1.79 11.42 2.78
CA ILE B 209 0.68 10.54 2.41
C ILE B 209 -0.58 11.34 2.07
N THR B 210 -0.84 12.41 2.82
CA THR B 210 -2.14 13.08 2.74
C THR B 210 -2.11 14.40 1.98
N LEU B 211 -0.93 14.98 1.71
CA LEU B 211 -0.89 16.38 1.26
C LEU B 211 0.25 16.64 0.28
N LYS B 212 0.63 15.65 -0.52
CA LYS B 212 1.78 15.85 -1.41
C LYS B 212 1.54 15.49 -2.87
N TRP B 213 1.19 14.23 -3.18
CA TRP B 213 1.16 13.76 -4.56
C TRP B 213 -0.23 13.89 -5.15
N LYS B 214 -0.34 14.61 -6.27
CA LYS B 214 -1.60 14.81 -7.00
C LYS B 214 -1.63 13.94 -8.26
N LEU B 215 -2.82 13.58 -8.69
CA LEU B 215 -3.01 12.83 -9.94
C LEU B 215 -3.05 13.78 -11.14
N ASN B 216 -2.10 13.62 -12.07
CA ASN B 216 -2.08 14.50 -13.25
C ASN B 216 -3.39 14.45 -14.00
N ASN B 217 -3.99 13.27 -14.08
CA ASN B 217 -5.23 13.06 -14.81
C ASN B 217 -6.44 13.00 -13.87
N GLY B 218 -6.23 13.34 -12.60
CA GLY B 218 -7.31 13.53 -11.66
C GLY B 218 -7.86 12.23 -11.08
N MET B 219 -8.59 12.38 -9.98
CA MET B 219 -9.35 11.27 -9.44
C MET B 219 -10.27 10.64 -10.49
N ARG B 220 -10.71 11.45 -11.47
CA ARG B 220 -11.60 10.92 -12.51
C ARG B 220 -10.94 9.81 -13.31
N SER B 221 -9.60 9.83 -13.45
CA SER B 221 -8.96 8.73 -14.15
C SER B 221 -9.19 7.41 -13.42
N LEU B 222 -9.35 7.47 -12.10
CA LEU B 222 -9.61 6.27 -11.32
C LEU B 222 -11.09 5.92 -11.29
N TYR B 223 -11.96 6.90 -10.99
CA TYR B 223 -13.38 6.54 -10.90
C TYR B 223 -13.96 6.20 -12.28
N ASP B 224 -13.55 6.91 -13.33
CA ASP B 224 -13.99 6.52 -14.67
C ASP B 224 -13.39 5.19 -15.09
N GLY B 225 -12.19 4.89 -14.58
CA GLY B 225 -11.59 3.58 -14.86
C GLY B 225 -12.40 2.44 -14.28
N ILE B 226 -12.79 2.55 -13.01
CA ILE B 226 -13.61 1.50 -12.39
C ILE B 226 -14.95 1.38 -13.11
N ALA B 227 -15.62 2.52 -13.35
CA ALA B 227 -16.90 2.47 -14.04
C ALA B 227 -16.78 1.83 -15.43
N GLY B 228 -15.67 2.07 -16.13
CA GLY B 228 -15.45 1.48 -17.43
C GLY B 228 -15.32 -0.02 -17.42
N ASP B 229 -14.92 -0.59 -16.28
CA ASP B 229 -14.83 -2.04 -16.12
C ASP B 229 -16.20 -2.69 -15.87
N LEU B 230 -17.22 -1.92 -15.47
CA LEU B 230 -18.49 -2.50 -15.07
C LEU B 230 -19.32 -2.88 -16.29
N ASN B 231 -19.89 -4.07 -16.25
CA ASN B 231 -20.74 -4.55 -17.34
C ASN B 231 -22.22 -4.18 -17.17
N THR B 232 -22.56 -3.44 -16.12
CA THR B 232 -23.93 -3.05 -15.83
C THR B 232 -23.99 -1.53 -15.74
N ASP B 233 -24.88 -0.92 -16.52
CA ASP B 233 -24.95 0.53 -16.56
C ASP B 233 -25.35 1.08 -15.19
N ILE B 234 -24.68 2.15 -14.78
CA ILE B 234 -25.02 2.86 -13.56
C ILE B 234 -26.29 3.67 -13.80
N ARG B 235 -27.23 3.61 -12.86
CA ARG B 235 -28.47 4.38 -12.97
C ARG B 235 -28.28 5.73 -12.30
N LEU B 236 -28.01 6.75 -13.11
CA LEU B 236 -27.86 8.11 -12.62
C LEU B 236 -29.25 8.73 -12.39
N ASN B 237 -29.26 9.85 -11.67
CA ASN B 237 -30.49 10.60 -11.41
C ASN B 237 -31.56 9.73 -10.77
N THR B 238 -31.14 8.81 -9.89
CA THR B 238 -32.02 7.82 -9.27
C THR B 238 -31.74 7.80 -7.77
N PRO B 239 -32.21 8.82 -7.04
CA PRO B 239 -32.05 8.81 -5.58
C PRO B 239 -32.90 7.75 -4.93
N VAL B 240 -32.33 7.06 -3.95
CA VAL B 240 -33.07 6.11 -3.12
C VAL B 240 -33.75 6.87 -1.99
N ALA B 241 -35.03 6.57 -1.76
CA ALA B 241 -35.80 7.17 -0.68
C ALA B 241 -36.06 6.24 0.50
N LYS B 242 -36.08 4.93 0.28
CA LYS B 242 -36.48 4.01 1.33
C LYS B 242 -35.75 2.69 1.14
N VAL B 243 -35.30 2.10 2.25
CA VAL B 243 -34.70 0.77 2.26
C VAL B 243 -35.42 -0.07 3.31
N GLU B 244 -36.10 -1.12 2.85
CA GLU B 244 -36.62 -2.16 3.72
C GLU B 244 -35.62 -3.31 3.72
N HIS B 245 -35.31 -3.83 4.90
CA HIS B 245 -34.23 -4.81 5.00
C HIS B 245 -34.55 -5.87 6.04
N HIS B 246 -34.35 -7.12 5.66
CA HIS B 246 -34.65 -8.23 6.56
C HIS B 246 -33.57 -9.30 6.38
N ASP B 247 -33.76 -10.42 7.06
CA ASP B 247 -32.79 -11.52 6.95
C ASP B 247 -32.85 -12.19 5.59
N ASN B 248 -33.99 -12.13 4.92
CA ASN B 248 -34.28 -12.79 3.65
C ASN B 248 -33.81 -11.98 2.45
N GLY B 249 -33.94 -10.66 2.52
CA GLY B 249 -33.66 -9.81 1.38
C GLY B 249 -33.95 -8.36 1.72
N ALA B 250 -34.18 -7.56 0.68
CA ALA B 250 -34.39 -6.13 0.86
C ALA B 250 -35.26 -5.59 -0.27
N THR B 251 -35.87 -4.42 -0.03
CA THR B 251 -36.68 -3.73 -1.01
C THR B 251 -36.30 -2.26 -0.99
N VAL B 252 -35.94 -1.72 -2.15
CA VAL B 252 -35.48 -0.34 -2.29
C VAL B 252 -36.54 0.44 -3.07
N THR B 253 -36.94 1.59 -2.55
CA THR B 253 -37.84 2.49 -3.26
C THR B 253 -37.11 3.77 -3.61
N THR B 254 -37.17 4.16 -4.87
CA THR B 254 -36.54 5.38 -5.34
C THR B 254 -37.46 6.57 -5.11
N GLU B 255 -36.90 7.77 -5.33
CA GLU B 255 -37.68 9.00 -5.19
C GLU B 255 -38.89 9.01 -6.12
N SER B 256 -38.77 8.39 -7.30
CA SER B 256 -39.86 8.32 -8.26
C SER B 256 -40.94 7.32 -7.86
N GLY B 257 -40.73 6.55 -6.79
CA GLY B 257 -41.65 5.52 -6.39
C GLY B 257 -41.39 4.15 -6.97
N GLU B 258 -40.37 3.99 -7.81
CA GLU B 258 -40.03 2.68 -8.34
C GLU B 258 -39.56 1.76 -7.24
N VAL B 259 -40.04 0.52 -7.27
CA VAL B 259 -39.73 -0.49 -6.25
C VAL B 259 -38.78 -1.51 -6.86
N ILE B 260 -37.69 -1.79 -6.17
CA ILE B 260 -36.64 -2.70 -6.64
C ILE B 260 -36.37 -3.73 -5.55
N GLU B 261 -36.59 -5.01 -5.86
CA GLU B 261 -36.27 -6.07 -4.93
C GLU B 261 -34.80 -6.44 -5.04
N ALA B 262 -34.19 -6.79 -3.91
CA ALA B 262 -32.77 -7.05 -3.87
C ALA B 262 -32.46 -8.17 -2.88
N SER B 263 -31.38 -8.91 -3.16
CA SER B 263 -30.89 -9.87 -2.17
C SER B 263 -30.20 -9.18 -1.01
N ALA B 264 -29.59 -8.04 -1.25
CA ALA B 264 -28.84 -7.29 -0.26
C ALA B 264 -28.68 -5.88 -0.77
N VAL B 265 -28.44 -4.95 0.16
CA VAL B 265 -28.21 -3.55 -0.17
C VAL B 265 -26.86 -3.14 0.43
N ILE B 266 -26.01 -2.53 -0.40
CA ILE B 266 -24.78 -1.89 0.07
C ILE B 266 -25.01 -0.40 0.00
N CYS B 267 -25.11 0.25 1.17
CA CYS B 267 -25.42 1.67 1.24
C CYS B 267 -24.14 2.47 1.46
N THR B 268 -23.76 3.28 0.47
CA THR B 268 -22.56 4.11 0.58
C THR B 268 -22.89 5.57 0.89
N VAL B 269 -24.15 5.90 1.11
CA VAL B 269 -24.55 7.28 1.41
C VAL B 269 -23.91 7.70 2.73
N PRO B 270 -23.19 8.81 2.80
CA PRO B 270 -22.56 9.19 4.06
C PRO B 270 -23.54 9.69 5.10
N VAL B 271 -23.07 9.69 6.36
CA VAL B 271 -23.88 10.11 7.50
C VAL B 271 -24.56 11.46 7.25
N GLY B 272 -23.83 12.41 6.65
CA GLY B 272 -24.39 13.73 6.39
C GLY B 272 -25.60 13.74 5.46
N ALA B 273 -25.86 12.63 4.77
CA ALA B 273 -26.98 12.53 3.83
C ALA B 273 -27.90 11.35 4.14
N LEU B 274 -27.66 10.61 5.22
CA LEU B 274 -28.48 9.44 5.50
C LEU B 274 -29.91 9.81 5.86
N SER B 275 -30.16 11.05 6.32
CA SER B 275 -31.52 11.42 6.71
C SER B 275 -32.47 11.48 5.53
N ASN B 276 -31.97 11.46 4.29
CA ASN B 276 -32.84 11.41 3.12
C ASN B 276 -33.47 10.03 2.91
N ILE B 277 -33.02 9.00 3.62
CA ILE B 277 -33.50 7.63 3.41
C ILE B 277 -34.26 7.17 4.64
N GLU B 278 -35.46 6.65 4.43
CA GLU B 278 -36.23 5.97 5.46
C GLU B 278 -35.80 4.51 5.50
N PHE B 279 -35.47 4.00 6.69
CA PHE B 279 -35.06 2.62 6.88
C PHE B 279 -36.14 1.88 7.66
N SER B 280 -36.48 0.68 7.18
CA SER B 280 -37.50 -0.17 7.80
C SER B 280 -36.95 -1.58 7.91
N PRO B 281 -36.62 -2.07 9.12
CA PRO B 281 -36.70 -1.36 10.41
C PRO B 281 -35.76 -0.17 10.53
N ALA B 282 -36.08 0.73 11.45
CA ALA B 282 -35.20 1.86 11.74
C ALA B 282 -33.82 1.37 12.14
N LEU B 283 -32.81 2.20 11.87
CA LEU B 283 -31.44 1.86 12.24
C LEU B 283 -31.31 1.79 13.77
N PRO B 284 -30.36 1.00 14.27
CA PRO B 284 -30.18 0.90 15.73
C PRO B 284 -29.92 2.27 16.35
N ASP B 285 -30.40 2.43 17.60
CA ASP B 285 -30.28 3.70 18.30
C ASP B 285 -28.85 4.22 18.31
N ALA B 286 -27.87 3.34 18.52
CA ALA B 286 -26.49 3.79 18.60
C ALA B 286 -25.98 4.33 17.27
N VAL B 287 -26.46 3.77 16.16
CA VAL B 287 -26.15 4.30 14.83
C VAL B 287 -26.88 5.60 14.59
N GLN B 288 -28.15 5.68 14.98
CA GLN B 288 -28.89 6.92 14.84
C GLN B 288 -28.25 8.07 15.61
N SER B 289 -27.62 7.75 16.75
CA SER B 289 -26.98 8.80 17.55
C SER B 289 -25.84 9.43 16.76
N VAL B 290 -25.07 8.62 16.03
CA VAL B 290 -24.01 9.15 15.18
C VAL B 290 -24.59 10.02 14.07
N ILE B 291 -25.66 9.53 13.42
CA ILE B 291 -26.28 10.29 12.34
C ILE B 291 -26.78 11.65 12.84
N ASP B 292 -27.41 11.67 14.01
CA ASP B 292 -27.90 12.92 14.57
C ASP B 292 -26.76 13.89 14.88
N ASP B 293 -25.70 13.39 15.53
CA ASP B 293 -24.54 14.21 15.87
C ASP B 293 -23.72 14.63 14.65
N LYS B 294 -23.67 13.76 13.65
CA LYS B 294 -22.90 13.79 12.40
C LYS B 294 -21.51 13.17 12.56
N TRP B 295 -20.59 13.56 11.71
CA TRP B 295 -19.17 13.49 11.95
C TRP B 295 -18.73 14.92 12.24
N ASN B 296 -17.48 15.08 12.64
CA ASN B 296 -16.92 16.41 12.77
C ASN B 296 -16.42 16.66 11.35
N SER B 297 -17.32 17.04 10.49
CA SER B 297 -16.94 17.40 9.14
C SER B 297 -17.85 18.53 8.66
N GLN B 298 -17.50 19.75 9.05
CA GLN B 298 -18.31 20.93 8.77
C GLN B 298 -17.59 21.97 7.94
N GLY B 299 -16.35 21.70 7.52
CA GLY B 299 -15.51 22.68 6.86
C GLY B 299 -15.69 22.65 5.35
N ALA B 300 -14.71 23.23 4.64
CA ALA B 300 -14.84 23.47 3.21
C ALA B 300 -13.47 23.63 2.56
N LYS B 301 -13.43 23.40 1.24
CA LYS B 301 -12.21 23.49 0.44
C LYS B 301 -12.42 24.52 -0.66
N ILE B 302 -11.49 25.46 -0.79
CA ILE B 302 -11.56 26.52 -1.78
C ILE B 302 -10.35 26.45 -2.71
N TRP B 303 -10.52 26.98 -3.92
CA TRP B 303 -9.43 27.22 -4.86
C TRP B 303 -9.46 28.71 -5.21
N ILE B 304 -8.35 29.40 -5.01
CA ILE B 304 -8.24 30.85 -5.16
C ILE B 304 -7.18 31.17 -6.20
N LYS B 305 -7.50 32.05 -7.15
CA LYS B 305 -6.54 32.50 -8.15
C LYS B 305 -6.11 33.94 -7.87
N ILE B 306 -4.80 34.18 -7.79
CA ILE B 306 -4.25 35.50 -7.55
C ILE B 306 -3.34 35.91 -8.70
N LYS B 307 -3.13 37.22 -8.83
CA LYS B 307 -2.21 37.74 -9.84
C LYS B 307 -0.77 37.40 -9.51
N GLY B 308 0.02 37.10 -10.54
CA GLY B 308 1.45 36.88 -10.39
C GLY B 308 1.80 35.45 -10.02
N HIS B 309 3.12 35.23 -9.88
CA HIS B 309 3.70 33.95 -9.50
C HIS B 309 4.11 34.04 -8.04
N HIS B 310 3.45 33.28 -7.17
CA HIS B 310 3.69 33.37 -5.73
C HIS B 310 3.76 31.98 -5.12
N ARG B 311 4.86 31.71 -4.43
CA ARG B 311 5.06 30.46 -3.68
C ARG B 311 4.68 30.78 -2.25
N PHE B 312 3.45 30.40 -1.86
CA PHE B 312 2.81 30.90 -0.66
C PHE B 312 2.28 29.75 0.18
N LEU B 313 2.48 29.85 1.49
CA LEU B 313 1.85 28.95 2.45
C LEU B 313 1.36 29.78 3.63
N GLY B 314 0.12 29.57 4.04
CA GLY B 314 -0.45 30.32 5.14
C GLY B 314 -1.21 29.43 6.11
N TYR B 315 -1.01 29.69 7.40
CA TYR B 315 -1.74 29.02 8.47
C TYR B 315 -2.45 30.06 9.34
N ALA B 316 -3.69 29.77 9.74
CA ALA B 316 -4.41 30.67 10.65
C ALA B 316 -5.35 29.85 11.54
N PRO B 317 -5.46 30.17 12.83
CA PRO B 317 -6.29 29.35 13.73
C PRO B 317 -7.78 29.69 13.61
N LYS B 318 -8.59 28.81 14.20
CA LYS B 318 -10.02 29.10 14.37
C LYS B 318 -10.18 30.49 14.98
N PRO B 319 -11.15 31.29 14.52
CA PRO B 319 -12.23 30.98 13.59
C PRO B 319 -12.03 31.53 12.15
N ALA B 320 -10.81 31.47 11.64
CA ALA B 320 -10.50 32.01 10.32
C ALA B 320 -11.36 31.36 9.23
N LYS B 321 -11.62 32.13 8.17
CA LYS B 321 -12.29 31.57 6.99
C LYS B 321 -11.53 30.39 6.42
N MET B 322 -10.20 30.50 6.35
CA MET B 322 -9.37 29.39 5.89
C MET B 322 -8.18 29.25 6.82
N SER B 323 -7.86 28.01 7.17
CA SER B 323 -6.80 27.75 8.14
C SER B 323 -5.49 27.29 7.52
N VAL B 324 -5.54 26.65 6.35
CA VAL B 324 -4.34 26.23 5.62
C VAL B 324 -4.55 26.58 4.15
N VAL B 325 -3.65 27.39 3.58
CA VAL B 325 -3.73 27.83 2.19
C VAL B 325 -2.35 27.68 1.56
N ARG B 326 -2.27 27.09 0.36
CA ARG B 326 -0.97 26.78 -0.23
C ARG B 326 -1.04 26.92 -1.75
N SER B 327 0.04 27.44 -2.34
CA SER B 327 0.15 27.46 -3.81
C SER B 327 0.10 26.04 -4.38
N GLU B 328 -0.61 25.88 -5.50
CA GLU B 328 -0.72 24.58 -6.14
C GLU B 328 -0.39 24.58 -7.63
N TYR B 329 -0.79 25.61 -8.37
CA TYR B 329 -0.56 25.65 -9.81
C TYR B 329 -0.11 27.04 -10.22
N PHE B 330 0.91 27.08 -11.06
CA PHE B 330 1.40 28.33 -11.65
C PHE B 330 0.92 28.36 -13.09
N MET B 331 0.05 29.33 -13.39
CA MET B 331 -0.64 29.36 -14.68
C MET B 331 0.11 30.20 -15.70
N ASP B 332 -0.20 29.96 -16.98
CA ASP B 332 0.58 30.57 -18.06
C ASP B 332 0.30 32.07 -18.23
N ASP B 333 -0.83 32.55 -17.74
CA ASP B 333 -1.20 33.97 -17.84
C ASP B 333 -0.77 34.78 -16.62
N ASP B 334 0.34 34.41 -16.00
CA ASP B 334 0.90 35.14 -14.86
C ASP B 334 -0.08 35.21 -13.69
N THR B 335 -0.60 34.04 -13.30
CA THR B 335 -1.44 33.91 -12.11
C THR B 335 -1.05 32.64 -11.39
N THR B 336 -1.48 32.54 -10.12
CA THR B 336 -1.22 31.37 -9.29
C THR B 336 -2.55 30.90 -8.71
N ILE B 337 -2.78 29.59 -8.74
CA ILE B 337 -3.93 28.97 -8.08
C ILE B 337 -3.48 28.35 -6.78
N LEU B 338 -4.19 28.66 -5.69
CA LEU B 338 -3.93 28.15 -4.34
C LEU B 338 -5.13 27.32 -3.88
N VAL B 339 -4.87 26.34 -3.01
CA VAL B 339 -5.93 25.58 -2.32
C VAL B 339 -6.02 26.09 -0.90
N GLY B 340 -7.21 25.94 -0.32
CA GLY B 340 -7.40 26.28 1.08
C GLY B 340 -8.40 25.34 1.74
N PHE B 341 -8.17 25.09 3.03
CA PHE B 341 -9.08 24.31 3.86
C PHE B 341 -9.49 25.12 5.09
N GLY B 342 -10.78 25.11 5.38
CA GLY B 342 -11.32 25.92 6.46
C GLY B 342 -12.29 25.11 7.30
N TYR B 343 -12.44 25.55 8.57
CA TYR B 343 -13.16 24.74 9.55
C TYR B 343 -14.67 24.88 9.49
N ASP B 344 -15.22 25.87 8.79
CA ASP B 344 -16.64 26.22 8.92
C ASP B 344 -17.18 26.66 7.56
N ASN B 345 -17.88 25.75 6.89
CA ASN B 345 -18.43 26.04 5.56
C ASN B 345 -19.36 27.24 5.57
N THR B 346 -19.93 27.57 6.72
CA THR B 346 -20.92 28.63 6.77
C THR B 346 -20.28 30.01 6.95
N ASN B 347 -18.96 30.09 7.13
CA ASN B 347 -18.29 31.36 7.30
C ASN B 347 -17.61 31.87 6.04
N ILE B 348 -17.74 31.14 4.92
CA ILE B 348 -17.12 31.56 3.67
C ILE B 348 -17.96 31.10 2.50
N ASP B 349 -18.12 31.99 1.51
CA ASP B 349 -18.73 31.65 0.23
C ASP B 349 -17.57 31.37 -0.73
N LEU B 350 -17.43 30.11 -1.12
CA LEU B 350 -16.28 29.67 -1.90
C LEU B 350 -16.22 30.30 -3.27
N ASN B 351 -17.31 30.90 -3.73
CA ASN B 351 -17.39 31.47 -5.06
C ASN B 351 -17.46 32.99 -5.03
N SER B 352 -17.25 33.58 -3.87
CA SER B 352 -17.28 35.03 -3.69
C SER B 352 -15.85 35.56 -3.75
N ILE B 353 -15.56 36.40 -4.75
CA ILE B 353 -14.23 37.00 -4.86
C ILE B 353 -13.88 37.76 -3.60
N GLU B 354 -14.84 38.49 -3.01
CA GLU B 354 -14.51 39.26 -1.81
C GLU B 354 -14.16 38.36 -0.65
N ASP B 355 -14.84 37.22 -0.51
CA ASP B 355 -14.47 36.32 0.58
C ASP B 355 -13.10 35.70 0.35
N ALA B 356 -12.78 35.36 -0.91
CA ALA B 356 -11.46 34.83 -1.20
C ALA B 356 -10.39 35.88 -0.95
N GLN B 357 -10.67 37.14 -1.27
CA GLN B 357 -9.75 38.22 -0.95
C GLN B 357 -9.57 38.36 0.56
N ALA B 358 -10.66 38.21 1.32
CA ALA B 358 -10.55 38.22 2.77
C ALA B 358 -9.63 37.10 3.27
N VAL B 359 -9.68 35.93 2.63
CA VAL B 359 -8.80 34.84 3.02
C VAL B 359 -7.34 35.23 2.83
N ILE B 360 -7.01 35.72 1.63
CA ILE B 360 -5.61 36.09 1.37
C ILE B 360 -5.17 37.21 2.30
N ASN B 361 -6.09 38.14 2.60
CA ASN B 361 -5.81 39.27 3.47
C ASN B 361 -5.54 38.84 4.92
N GLN B 362 -5.82 37.58 5.28
CA GLN B 362 -5.43 37.10 6.60
C GLN B 362 -3.92 37.19 6.78
N TRP B 363 -3.14 37.14 5.68
CA TRP B 363 -1.69 37.08 5.76
C TRP B 363 -0.98 38.20 5.00
N ARG B 364 -1.55 38.70 3.91
CA ARG B 364 -0.86 39.65 3.05
C ARG B 364 -1.81 40.76 2.61
N ASP B 365 -1.26 41.94 2.36
CA ASP B 365 -2.07 43.06 1.88
C ASP B 365 -1.79 43.39 0.43
N ASP B 366 -0.88 42.65 -0.22
CA ASP B 366 -0.38 43.02 -1.53
C ASP B 366 -0.71 41.97 -2.60
N LEU B 367 -1.46 40.93 -2.27
CA LEU B 367 -1.84 39.92 -3.24
C LEU B 367 -3.30 40.13 -3.64
N GLU B 368 -3.59 39.94 -4.92
CA GLU B 368 -4.89 40.33 -5.48
C GLU B 368 -5.61 39.12 -6.07
N VAL B 369 -6.79 38.82 -5.52
CA VAL B 369 -7.60 37.71 -6.01
C VAL B 369 -8.32 38.11 -7.30
N VAL B 370 -8.22 37.27 -8.32
CA VAL B 370 -8.94 37.48 -9.57
C VAL B 370 -10.01 36.43 -9.84
N ASP B 371 -10.01 35.30 -9.14
CA ASP B 371 -11.03 34.27 -9.34
C ASP B 371 -11.03 33.38 -8.11
N THR B 372 -12.15 32.68 -7.91
CA THR B 372 -12.26 31.75 -6.79
C THR B 372 -13.36 30.74 -7.12
N THR B 373 -13.21 29.52 -6.60
CA THR B 373 -14.24 28.52 -6.85
C THR B 373 -14.16 27.43 -5.79
N GLY B 374 -15.26 26.69 -5.69
CA GLY B 374 -15.30 25.50 -4.85
C GLY B 374 -16.71 24.96 -4.82
N HIS B 375 -16.85 23.77 -4.28
CA HIS B 375 -18.17 23.17 -4.06
C HIS B 375 -18.36 22.91 -2.58
N ASN B 376 -19.43 23.48 -2.01
CA ASN B 376 -19.69 23.34 -0.57
C ASN B 376 -20.38 22.01 -0.31
N TRP B 377 -19.55 20.98 -0.08
CA TRP B 377 -20.06 19.63 0.17
C TRP B 377 -21.03 19.57 1.34
N VAL B 378 -20.81 20.38 2.37
CA VAL B 378 -21.67 20.32 3.55
C VAL B 378 -23.09 20.72 3.22
N ALA B 379 -23.25 21.67 2.30
CA ALA B 379 -24.56 22.13 1.83
C ALA B 379 -25.06 21.36 0.62
N ASP B 380 -24.49 20.20 0.33
CA ASP B 380 -24.88 19.35 -0.78
C ASP B 380 -25.71 18.20 -0.17
N LYS B 381 -26.99 18.13 -0.56
CA LYS B 381 -27.92 17.13 -0.03
C LYS B 381 -27.37 15.73 0.00
N TRP B 382 -26.57 15.37 -0.99
CA TRP B 382 -26.16 14.01 -1.19
C TRP B 382 -24.84 13.71 -0.49
N ALA B 383 -24.30 14.71 0.21
CA ALA B 383 -23.07 14.55 0.97
C ALA B 383 -23.28 15.02 2.42
N GLY B 384 -23.54 16.31 2.61
CA GLY B 384 -23.82 16.84 3.93
C GLY B 384 -22.62 16.87 4.85
N GLN B 385 -21.42 16.74 4.29
CA GLN B 385 -20.16 16.68 5.03
C GLN B 385 -19.03 16.82 4.01
N ALA B 386 -17.84 17.15 4.53
CA ALA B 386 -16.62 17.05 3.74
C ALA B 386 -16.08 15.63 3.90
N TRP B 387 -14.79 15.45 4.21
CA TRP B 387 -14.34 14.09 4.54
C TRP B 387 -14.66 13.77 6.00
N GLY B 388 -15.02 12.52 6.26
CA GLY B 388 -15.46 12.17 7.61
C GLY B 388 -14.32 12.26 8.62
N THR B 389 -14.56 12.97 9.72
CA THR B 389 -13.64 13.07 10.83
C THR B 389 -14.39 12.83 12.15
N LEU B 390 -13.65 12.55 13.22
CA LEU B 390 -14.24 12.04 14.45
C LEU B 390 -14.41 13.10 15.52
N ARG B 391 -15.64 13.23 16.03
CA ARG B 391 -15.89 13.94 17.28
C ARG B 391 -15.44 13.10 18.46
N LYS B 392 -15.30 13.75 19.62
CA LYS B 392 -15.00 13.03 20.84
C LYS B 392 -15.96 11.86 21.01
N GLY B 393 -15.40 10.70 21.38
CA GLY B 393 -16.19 9.50 21.59
C GLY B 393 -16.47 8.67 20.35
N GLN B 394 -16.22 9.20 19.15
CA GLN B 394 -16.59 8.51 17.92
C GLN B 394 -15.51 7.56 17.42
N PHE B 395 -14.31 7.57 18.01
CA PHE B 395 -13.34 6.53 17.65
C PHE B 395 -13.78 5.18 18.17
N THR B 396 -14.29 5.13 19.41
CA THR B 396 -14.66 3.86 20.02
C THR B 396 -16.15 3.58 19.99
N GLN B 397 -16.99 4.61 19.82
CA GLN B 397 -18.44 4.45 19.72
C GLN B 397 -18.98 5.30 18.56
N GLY B 398 -18.44 5.08 17.37
CA GLY B 398 -18.88 5.83 16.22
C GLY B 398 -18.84 5.01 14.94
N TRP B 399 -17.70 5.08 14.25
CA TRP B 399 -17.59 4.50 12.91
C TRP B 399 -17.80 2.99 12.90
N SER B 400 -17.40 2.30 13.98
CA SER B 400 -17.48 0.84 14.00
C SER B 400 -18.87 0.31 14.26
N LEU B 401 -19.83 1.17 14.57
CA LEU B 401 -21.18 0.73 14.90
C LEU B 401 -22.00 0.42 13.65
N PHE B 402 -21.50 0.79 12.48
CA PHE B 402 -22.23 0.59 11.23
C PHE B 402 -22.03 -0.79 10.65
N ASP B 403 -21.17 -1.59 11.26
CA ASP B 403 -20.89 -2.94 10.79
C ASP B 403 -21.89 -3.90 11.42
N ASP B 404 -22.28 -4.91 10.65
CA ASP B 404 -23.19 -5.96 11.13
C ASP B 404 -24.39 -5.38 11.89
N THR B 405 -25.01 -4.38 11.30
CA THR B 405 -26.10 -3.68 11.98
C THR B 405 -26.97 -2.98 10.92
N ASP B 406 -27.89 -3.74 10.31
CA ASP B 406 -27.97 -5.22 10.45
C ASP B 406 -28.74 -5.79 9.28
N SER B 407 -29.14 -7.06 9.42
CA SER B 407 -29.85 -7.80 8.38
C SER B 407 -28.96 -7.95 7.16
N GLN B 408 -29.58 -7.83 5.97
CA GLN B 408 -28.89 -7.87 4.69
C GLN B 408 -28.52 -6.48 4.20
N LEU B 409 -28.82 -5.45 4.98
CA LEU B 409 -28.32 -4.13 4.72
C LEU B 409 -26.89 -4.03 5.23
N PHE B 410 -26.00 -3.48 4.41
CA PHE B 410 -24.61 -3.27 4.78
C PHE B 410 -24.26 -1.81 4.51
N PHE B 411 -23.47 -1.21 5.40
CA PHE B 411 -22.95 0.13 5.17
C PHE B 411 -21.49 0.05 4.74
N ALA B 412 -21.16 0.74 3.65
CA ALA B 412 -19.81 0.78 3.14
C ALA B 412 -19.49 2.22 2.77
N GLY B 413 -18.23 2.60 2.93
CA GLY B 413 -17.82 3.95 2.66
C GLY B 413 -16.55 4.24 3.40
N SER B 414 -15.85 5.29 2.96
CA SER B 414 -14.59 5.64 3.63
C SER B 414 -14.79 5.84 5.12
N ASP B 415 -15.94 6.38 5.53
CA ASP B 415 -16.15 6.72 6.93
C ASP B 415 -16.18 5.52 7.87
N TYR B 416 -16.23 4.29 7.35
CA TYR B 416 -16.26 3.09 8.20
C TYR B 416 -15.02 2.22 8.03
N ALA B 417 -13.99 2.72 7.35
CA ALA B 417 -12.82 1.90 7.08
C ALA B 417 -11.99 1.66 8.35
N TYR B 418 -11.21 0.58 8.33
CA TYR B 418 -10.29 0.34 9.42
C TYR B 418 -9.03 1.19 9.33
N GLY B 419 -8.65 1.62 8.12
CA GLY B 419 -7.37 2.24 7.90
C GLY B 419 -7.46 3.74 7.78
N TRP B 420 -7.31 4.26 6.57
CA TRP B 420 -7.36 5.70 6.28
C TRP B 420 -8.82 6.16 6.22
N ARG B 421 -9.46 6.10 7.38
CA ARG B 421 -10.92 6.25 7.49
C ARG B 421 -11.35 7.69 7.28
N GLY B 422 -12.30 7.87 6.38
CA GLY B 422 -12.97 9.15 6.17
C GLY B 422 -12.14 10.09 5.32
N VAL B 423 -10.93 10.36 5.81
CA VAL B 423 -10.05 11.32 5.19
C VAL B 423 -9.59 10.93 3.78
N SER B 424 -9.64 9.65 3.42
N SER B 424 -9.64 9.65 3.43
CA SER B 424 -8.96 9.20 2.22
CA SER B 424 -8.95 9.21 2.22
C SER B 424 -9.84 8.35 1.32
C SER B 424 -9.84 8.35 1.33
N VAL B 425 -9.63 8.50 0.01
CA VAL B 425 -10.18 7.56 -0.95
C VAL B 425 -9.73 6.15 -0.65
N ASP B 426 -8.55 5.99 -0.05
CA ASP B 426 -8.10 4.65 0.34
C ASP B 426 -9.12 3.96 1.23
N GLY B 427 -9.75 4.70 2.14
CA GLY B 427 -10.76 4.12 2.99
C GLY B 427 -12.02 3.72 2.24
N ALA B 428 -12.41 4.52 1.24
CA ALA B 428 -13.58 4.14 0.45
C ALA B 428 -13.31 2.87 -0.35
N LEU B 429 -12.13 2.77 -0.94
CA LEU B 429 -11.79 1.59 -1.72
C LEU B 429 -11.61 0.38 -0.82
N GLU B 430 -11.03 0.57 0.37
CA GLU B 430 -10.97 -0.51 1.36
C GLU B 430 -12.37 -1.03 1.67
N LYS B 431 -13.24 -0.14 2.16
CA LYS B 431 -14.50 -0.61 2.74
C LYS B 431 -15.51 -1.03 1.68
N GLY B 432 -15.47 -0.43 0.50
CA GLY B 432 -16.33 -0.92 -0.58
C GLY B 432 -15.98 -2.34 -0.96
N MET B 433 -14.69 -2.63 -1.06
CA MET B 433 -14.25 -3.96 -1.46
C MET B 433 -14.55 -4.99 -0.37
N THR B 434 -14.25 -4.67 0.89
CA THR B 434 -14.47 -5.65 1.95
C THR B 434 -15.95 -5.86 2.23
N THR B 435 -16.78 -4.82 2.05
CA THR B 435 -18.21 -5.03 2.21
C THR B 435 -18.77 -5.91 1.11
N ALA B 436 -18.28 -5.74 -0.12
CA ALA B 436 -18.64 -6.70 -1.16
C ALA B 436 -18.22 -8.11 -0.77
N ARG B 437 -17.05 -8.25 -0.14
CA ARG B 437 -16.64 -9.58 0.31
C ARG B 437 -17.58 -10.14 1.39
N GLN B 438 -18.09 -9.27 2.27
CA GLN B 438 -19.09 -9.73 3.25
C GLN B 438 -20.30 -10.33 2.54
N VAL B 439 -20.77 -9.67 1.48
CA VAL B 439 -21.91 -10.18 0.71
C VAL B 439 -21.53 -11.48 -0.01
N ILE B 440 -20.35 -11.51 -0.65
CA ILE B 440 -19.89 -12.69 -1.36
C ILE B 440 -19.81 -13.89 -0.42
N ASN B 441 -19.24 -13.69 0.77
CA ASN B 441 -19.03 -14.80 1.69
C ASN B 441 -20.36 -15.32 2.22
N SER B 442 -21.32 -14.41 2.48
CA SER B 442 -22.63 -14.83 2.93
C SER B 442 -23.34 -15.65 1.85
N MET B 443 -23.24 -15.22 0.60
CA MET B 443 -23.89 -15.97 -0.48
C MET B 443 -23.23 -17.32 -0.72
N ARG B 444 -21.91 -17.42 -0.50
CA ARG B 444 -21.21 -18.68 -0.72
C ARG B 444 -21.48 -19.67 0.42
PA FAD C . 6.22 -18.17 -9.21
O1A FAD C . 5.69 -18.24 -7.83
O2A FAD C . 7.60 -18.79 -9.48
O5B FAD C . 5.12 -18.82 -10.17
C5B FAD C . 5.49 -19.42 -11.44
C4B FAD C . 4.68 -20.68 -11.56
O4B FAD C . 4.92 -21.27 -12.86
C3B FAD C . 5.01 -21.78 -10.53
O3B FAD C . 3.83 -22.27 -9.92
C2B FAD C . 5.73 -22.84 -11.36
O2B FAD C . 5.55 -24.16 -10.83
C1B FAD C . 5.05 -22.66 -12.71
N9A FAD C . 5.79 -23.14 -13.86
C8A FAD C . 7.14 -23.07 -14.08
N7A FAD C . 7.53 -23.55 -15.23
C5A FAD C . 6.34 -23.95 -15.83
C6A FAD C . 6.06 -24.54 -17.08
N6A FAD C . 6.98 -24.83 -17.99
N1A FAD C . 4.76 -24.81 -17.36
C2A FAD C . 3.82 -24.51 -16.47
N3A FAD C . 3.97 -23.96 -15.26
C4A FAD C . 5.26 -23.70 -15.00
N1 FAD C . 8.13 -12.53 -0.95
C2 FAD C . 7.64 -11.75 0.05
O2 FAD C . 6.82 -10.85 -0.17
N3 FAD C . 8.02 -12.00 1.35
C4 FAD C . 8.90 -12.98 1.77
O4 FAD C . 9.18 -13.10 2.96
C4X FAD C . 9.42 -13.79 0.70
N5 FAD C . 10.25 -14.75 1.00
C5X FAD C . 10.72 -15.55 -0.02
C6 FAD C . 11.58 -16.59 0.29
C7 FAD C . 12.08 -17.41 -0.71
C7M FAD C . 13.03 -18.53 -0.34
C8 FAD C . 11.71 -17.20 -2.04
C8M FAD C . 12.23 -18.08 -3.14
C9 FAD C . 10.84 -16.16 -2.36
C9A FAD C . 10.34 -15.34 -1.36
N10 FAD C . 9.43 -14.29 -1.64
C10 FAD C . 8.96 -13.49 -0.64
C1' FAD C . 9.10 -13.93 -3.01
C2' FAD C . 7.82 -14.49 -3.56
O2' FAD C . 7.80 -15.89 -3.28
C3' FAD C . 7.81 -14.28 -5.07
O3' FAD C . 8.09 -12.92 -5.41
C4' FAD C . 6.50 -14.67 -5.73
O4' FAD C . 5.96 -15.78 -5.03
C5' FAD C . 6.74 -14.99 -7.18
O5' FAD C . 5.47 -15.17 -7.83
P FAD C . 5.39 -15.35 -9.40
O1P FAD C . 3.93 -15.68 -9.71
O2P FAD C . 5.99 -14.18 -10.03
O3P FAD C . 6.30 -16.65 -9.70
PA FAD D . -19.16 9.27 -1.52
O1A FAD D . -18.10 9.77 -2.44
O2A FAD D . -19.90 10.33 -0.68
O5B FAD D . -20.23 8.44 -2.37
C5B FAD D . -21.61 8.34 -1.96
C4B FAD D . -22.45 8.51 -3.21
O4B FAD D . -23.84 8.29 -2.88
C3B FAD D . -22.36 9.88 -3.89
O3B FAD D . -22.10 9.73 -5.28
C2B FAD D . -23.75 10.50 -3.60
O2B FAD D . -24.16 11.39 -4.64
C1B FAD D . -24.61 9.24 -3.57
N9A FAD D . -25.88 9.37 -2.87
C8A FAD D . -26.11 10.08 -1.71
N7A FAD D . -27.35 9.96 -1.27
C5A FAD D . -27.95 9.11 -2.17
C6A FAD D . -29.25 8.59 -2.27
N6A FAD D . -30.23 8.85 -1.39
N1A FAD D . -29.53 7.76 -3.30
C2A FAD D . -28.56 7.48 -4.18
N3A FAD D . -27.30 7.91 -4.19
C4A FAD D . -27.06 8.73 -3.16
N1 FAD D . -9.37 11.69 0.01
C2 FAD D . -8.06 11.48 -0.30
O2 FAD D . -7.59 10.34 -0.36
N3 FAD D . -7.24 12.55 -0.61
C4 FAD D . -7.61 13.87 -0.61
O4 FAD D . -6.80 14.75 -0.89
C4X FAD D . -9.00 14.09 -0.26
N5 FAD D . -9.45 15.31 -0.25
C5X FAD D . -10.77 15.52 0.05
C6 FAD D . -11.27 16.82 0.04
C7 FAD D . -12.60 17.08 0.33
C7M FAD D . -13.09 18.50 0.33
C8 FAD D . -13.46 16.02 0.64
C8M FAD D . -14.90 16.26 0.96
C9 FAD D . -12.98 14.71 0.64
C9A FAD D . -11.64 14.46 0.35
N10 FAD D . -11.12 13.15 0.31
C10 FAD D . -9.81 12.93 0.03
C1' FAD D . -11.93 12.01 0.76
C2' FAD D . -12.60 11.23 -0.34
O2' FAD D . -13.27 12.15 -1.18
C3' FAD D . -13.62 10.29 0.30
O3' FAD D . -13.03 9.52 1.34
C4' FAD D . -14.28 9.34 -0.68
O4' FAD D . -14.39 10.01 -1.93
C5' FAD D . -15.64 8.93 -0.17
O5' FAD D . -16.14 7.86 -1.00
P FAD D . -17.43 7.08 -0.60
O1P FAD D . -17.79 6.17 -1.78
O2P FAD D . -17.24 6.47 0.72
O3P FAD D . -18.56 8.23 -0.48
#